data_7CGZ
#
_entry.id   7CGZ
#
_cell.length_a   160.622
_cell.length_b   44.640
_cell.length_c   99.885
_cell.angle_alpha   90.000
_cell.angle_beta   100.096
_cell.angle_gamma   90.000
#
_symmetry.space_group_name_H-M   'C 1 2 1'
#
loop_
_entity.id
_entity.type
_entity.pdbx_description
1 polymer 'glucose dehydrogenase'
2 non-polymer 'CALCIUM ION'
3 non-polymer GLYCEROL
4 water water
#
_entity_poly.entity_id   1
_entity_poly.type   'polypeptide(L)'
_entity_poly.pdbx_seq_one_letter_code
;MPTVSQLQDGLEHPWSLAFLPAEQGLLITERPGRLRLWQQDKGLSPPIAGVPQVYAEGQGGLLEVLPAPDFAASRRVYLS
FAEPGEGGKAGTAVGYGRLSDDDARLENFKVIFRQQPKLSVGNHFGGKLAFDRQGYLFIALGENNQRPTAQETDKLQGKL
VRLTAEGAVPPDNPWVGQAGKRPEVWSYGHRNPQGLALNPWSGAIWEHEHGPRGGDELNIPLPGKNYGWPLATYGINYSG
QPIPEAKGERVPGTEQPLHYWRVSPGLSGMAFYDGQRFPAWRHSLFIGALAQKALIRLTLEGDKVVAEERLLGDRGERIR
EVRSGPDGYLYLLTDERDGKLLKVGASLEHHHHHH
;
_entity_poly.pdbx_strand_id   A,B
#
loop_
_chem_comp.id
_chem_comp.type
_chem_comp.name
_chem_comp.formula
CA non-polymer 'CALCIUM ION' 'Ca 2'
GOL non-polymer GLYCEROL 'C3 H8 O3'
#
# COMPACT_ATOMS: atom_id res chain seq x y z
N PRO A 2 15.58 -3.79 -7.65
CA PRO A 2 16.47 -2.64 -7.87
C PRO A 2 17.76 -2.73 -7.05
N THR A 3 18.76 -1.96 -7.45
CA THR A 3 20.00 -1.88 -6.71
C THR A 3 19.94 -0.69 -5.77
N VAL A 4 20.57 -0.82 -4.60
CA VAL A 4 20.57 0.26 -3.61
C VAL A 4 21.98 0.40 -3.06
N SER A 5 22.47 1.63 -3.00
CA SER A 5 23.71 1.94 -2.31
C SER A 5 23.40 2.89 -1.16
N GLN A 6 23.74 2.47 0.05
CA GLN A 6 23.59 3.36 1.21
C GLN A 6 24.79 4.30 1.25
N LEU A 7 24.61 5.53 0.81
CA LEU A 7 25.74 6.45 0.66
C LEU A 7 26.14 7.14 1.96
N GLN A 8 25.21 7.33 2.89
CA GLN A 8 25.50 8.13 4.06
C GLN A 8 24.46 7.79 5.11
N ASP A 9 24.89 7.78 6.37
CA ASP A 9 24.00 7.53 7.48
C ASP A 9 24.12 8.65 8.49
N GLY A 10 23.39 8.54 9.59
CA GLY A 10 23.53 9.51 10.65
C GLY A 10 22.97 10.87 10.33
N LEU A 11 22.02 10.96 9.42
CA LEU A 11 21.37 12.24 9.13
C LEU A 11 20.13 12.35 10.01
N GLU A 12 20.01 13.45 10.75
CA GLU A 12 18.88 13.60 11.67
C GLU A 12 17.69 14.15 10.91
N HIS A 13 16.72 13.28 10.61
CA HIS A 13 15.52 13.62 9.85
C HIS A 13 15.85 14.47 8.62
N PRO A 14 16.60 13.92 7.66
CA PRO A 14 16.88 14.67 6.43
C PRO A 14 15.58 14.90 5.67
N TRP A 15 15.47 16.08 5.08
CA TRP A 15 14.22 16.47 4.44
C TRP A 15 14.36 16.68 2.94
N SER A 16 15.46 17.25 2.48
CA SER A 16 15.55 17.63 1.08
C SER A 16 16.99 17.48 0.63
N LEU A 17 17.17 17.21 -0.66
CA LEU A 17 18.50 17.12 -1.24
C LEU A 17 18.52 17.79 -2.60
N ALA A 18 19.67 18.32 -2.99
CA ALA A 18 19.79 18.89 -4.32
C ALA A 18 21.21 18.69 -4.82
N PHE A 19 21.34 18.57 -6.13
CA PHE A 19 22.63 18.35 -6.77
C PHE A 19 23.27 19.70 -7.11
N LEU A 20 24.52 19.82 -6.81
CA LEU A 20 25.30 20.93 -7.33
C LEU A 20 25.88 20.55 -8.68
N PRO A 21 26.27 21.52 -9.50
CA PRO A 21 26.71 21.20 -10.87
C PRO A 21 28.03 20.45 -10.86
N ALA A 22 28.34 19.88 -12.02
CA ALA A 22 29.68 19.36 -12.34
C ALA A 22 30.26 18.52 -11.20
N GLU A 23 29.41 17.67 -10.63
CA GLU A 23 29.81 16.74 -9.58
C GLU A 23 30.58 17.41 -8.44
N GLN A 24 30.10 18.57 -8.00
CA GLN A 24 30.62 19.20 -6.78
C GLN A 24 29.90 18.75 -5.51
N GLY A 25 28.90 17.88 -5.62
CA GLY A 25 28.27 17.27 -4.45
C GLY A 25 26.77 17.55 -4.36
N LEU A 26 26.21 17.17 -3.21
CA LEU A 26 24.79 17.30 -2.89
C LEU A 26 24.63 18.20 -1.68
N LEU A 27 23.61 19.04 -1.71
CA LEU A 27 23.23 19.78 -0.50
C LEU A 27 22.11 18.97 0.15
N ILE A 28 22.16 18.86 1.47
CA ILE A 28 21.16 18.08 2.24
C ILE A 28 20.70 18.85 3.46
N THR A 29 19.40 18.93 3.66
CA THR A 29 18.85 19.58 4.86
C THR A 29 18.48 18.54 5.90
N GLU A 30 18.77 18.86 7.14
CA GLU A 30 18.34 18.07 8.30
C GLU A 30 17.22 18.93 8.89
N ARG A 31 16.02 18.38 9.06
CA ARG A 31 14.84 19.14 9.54
C ARG A 31 15.15 19.93 10.81
N PRO A 32 15.89 19.44 11.80
CA PRO A 32 16.26 20.24 12.96
C PRO A 32 16.82 21.64 12.67
N GLY A 33 17.61 21.81 11.61
CA GLY A 33 18.04 23.15 11.21
C GLY A 33 19.44 23.20 10.65
N ARG A 34 19.91 22.13 10.00
CA ARG A 34 21.28 22.17 9.46
C ARG A 34 21.30 21.91 7.96
N LEU A 35 22.16 22.64 7.26
CA LEU A 35 22.40 22.44 5.82
C LEU A 35 23.76 21.77 5.71
N ARG A 36 23.85 20.71 4.95
CA ARG A 36 25.11 19.98 4.80
C ARG A 36 25.46 19.76 3.34
N LEU A 37 26.75 19.69 3.07
CA LEU A 37 27.23 19.33 1.74
C LEU A 37 27.78 17.92 1.85
N TRP A 38 27.33 17.03 1.01
CA TRP A 38 27.84 15.67 0.94
C TRP A 38 28.55 15.52 -0.39
N GLN A 39 29.72 14.89 -0.37
CA GLN A 39 30.51 14.65 -1.58
C GLN A 39 30.96 13.21 -1.56
N GLN A 40 30.97 12.58 -2.74
CA GLN A 40 31.28 11.15 -2.75
C GLN A 40 32.70 10.89 -2.28
N ASP A 41 33.62 11.82 -2.50
CA ASP A 41 35.00 11.58 -2.10
C ASP A 41 35.31 12.00 -0.67
N LYS A 42 34.51 12.88 -0.07
CA LYS A 42 34.82 13.44 1.25
C LYS A 42 33.73 13.22 2.30
N GLY A 43 32.60 12.63 1.94
CA GLY A 43 31.54 12.42 2.92
C GLY A 43 30.83 13.73 3.28
N LEU A 44 30.37 13.81 4.52
CA LEU A 44 29.47 14.87 4.95
C LEU A 44 30.23 16.04 5.56
N SER A 45 29.98 17.27 5.05
CA SER A 45 30.59 18.47 5.61
C SER A 45 30.01 18.77 6.99
N PRO A 46 30.71 19.57 7.78
CA PRO A 46 30.09 20.16 8.98
C PRO A 46 28.94 21.08 8.59
N PRO A 47 28.07 21.45 9.53
CA PRO A 47 26.91 22.26 9.16
C PRO A 47 27.34 23.60 8.59
N ILE A 48 26.62 24.04 7.56
CA ILE A 48 26.94 25.28 6.87
C ILE A 48 26.38 26.46 7.67
N ALA A 49 27.21 27.47 7.89
CA ALA A 49 26.84 28.59 8.75
C ALA A 49 25.92 29.56 8.01
N GLY A 50 25.13 30.31 8.76
CA GLY A 50 24.30 31.34 8.18
C GLY A 50 22.93 30.89 7.73
N VAL A 51 22.56 29.65 8.04
CA VAL A 51 21.20 29.14 7.84
C VAL A 51 20.26 29.91 8.76
N PRO A 52 19.03 30.22 8.34
CA PRO A 52 18.08 30.88 9.24
C PRO A 52 17.72 30.01 10.44
N GLN A 53 17.29 30.67 11.52
CA GLN A 53 16.63 29.95 12.59
C GLN A 53 15.30 29.39 12.09
N VAL A 54 14.94 28.20 12.56
CA VAL A 54 13.75 27.52 12.08
C VAL A 54 12.85 27.18 13.25
N TYR A 55 11.58 26.94 12.93
CA TYR A 55 10.59 26.43 13.88
C TYR A 55 10.57 24.91 13.80
N ALA A 56 11.42 24.26 14.60
CA ALA A 56 11.60 22.81 14.50
C ALA A 56 10.68 22.11 15.50
N GLU A 57 9.40 22.14 15.16
CA GLU A 57 8.35 21.50 15.92
C GLU A 57 7.46 20.73 14.95
N GLY A 58 7.09 19.53 15.33
CA GLY A 58 6.20 18.74 14.48
C GLY A 58 6.82 18.50 13.11
N GLN A 59 6.10 18.90 12.07
CA GLN A 59 6.57 18.76 10.70
C GLN A 59 7.49 19.89 10.28
N GLY A 60 7.68 20.89 11.14
CA GLY A 60 8.43 22.08 10.76
C GLY A 60 9.91 21.99 11.06
N GLY A 61 10.65 22.84 10.37
CA GLY A 61 12.08 22.96 10.53
C GLY A 61 12.70 23.55 9.27
N LEU A 62 13.93 23.13 8.99
CA LEU A 62 14.56 23.45 7.71
C LEU A 62 14.09 22.43 6.68
N LEU A 63 13.58 22.90 5.53
CA LEU A 63 12.85 22.02 4.63
C LEU A 63 13.60 21.93 3.31
N GLU A 64 13.19 22.63 2.27
CA GLU A 64 13.77 22.43 0.95
C GLU A 64 15.08 23.18 0.81
N VAL A 65 16.06 22.56 0.13
CA VAL A 65 17.21 23.28 -0.41
C VAL A 65 17.12 23.21 -1.93
N LEU A 66 17.33 24.35 -2.59
CA LEU A 66 17.23 24.32 -4.03
C LEU A 66 18.18 25.35 -4.61
N PRO A 67 19.25 24.92 -5.28
CA PRO A 67 20.15 25.86 -5.93
C PRO A 67 19.46 26.52 -7.11
N ALA A 68 19.87 27.75 -7.39
CA ALA A 68 19.37 28.45 -8.57
C ALA A 68 19.78 27.69 -9.82
N PRO A 69 19.02 27.81 -10.91
CA PRO A 69 19.45 27.16 -12.15
C PRO A 69 20.77 27.68 -12.70
N ASP A 70 21.16 28.91 -12.35
CA ASP A 70 22.46 29.44 -12.74
C ASP A 70 23.49 29.36 -11.60
N PHE A 71 23.38 28.33 -10.74
CA PHE A 71 24.25 28.20 -9.58
C PHE A 71 25.72 28.27 -9.96
N ALA A 72 26.11 27.64 -11.07
CA ALA A 72 27.53 27.59 -11.42
C ALA A 72 28.14 28.98 -11.49
N ALA A 73 27.38 29.98 -11.91
CA ALA A 73 27.85 31.36 -11.93
C ALA A 73 27.47 32.13 -10.65
N SER A 74 26.25 31.97 -10.15
CA SER A 74 25.76 32.80 -9.05
C SER A 74 25.99 32.19 -7.66
N ARG A 75 26.08 30.87 -7.59
CA ARG A 75 26.15 30.11 -6.33
C ARG A 75 24.99 30.41 -5.39
N ARG A 76 23.88 30.90 -5.94
CA ARG A 76 22.69 31.20 -5.17
C ARG A 76 21.98 29.91 -4.74
N VAL A 77 21.56 29.85 -3.48
CA VAL A 77 20.90 28.67 -2.93
C VAL A 77 19.63 29.13 -2.23
N TYR A 78 18.50 28.57 -2.63
CA TYR A 78 17.22 28.83 -1.98
C TYR A 78 16.98 27.83 -0.84
N LEU A 79 16.35 28.29 0.23
CA LEU A 79 15.89 27.43 1.32
C LEU A 79 14.44 27.73 1.62
N SER A 80 13.66 26.69 1.88
CA SER A 80 12.36 26.89 2.51
C SER A 80 12.44 26.36 3.93
N PHE A 81 11.61 26.90 4.81
CA PHE A 81 11.73 26.52 6.21
C PHE A 81 10.51 27.01 6.96
N ALA A 82 10.24 26.39 8.11
CA ALA A 82 9.20 26.88 9.01
C ALA A 82 9.77 28.00 9.86
N GLU A 83 9.21 29.18 9.72
CA GLU A 83 9.73 30.38 10.38
C GLU A 83 8.86 30.72 11.58
N PRO A 84 9.45 30.86 12.77
CA PRO A 84 8.64 31.10 13.96
C PRO A 84 8.01 32.48 13.94
N GLY A 85 6.82 32.56 14.54
CA GLY A 85 6.14 33.82 14.71
C GLY A 85 6.46 34.46 16.06
N GLU A 86 5.64 35.46 16.40
CA GLU A 86 5.71 36.08 17.70
C GLU A 86 4.46 35.85 18.53
N GLY A 87 3.48 35.12 18.00
CA GLY A 87 2.35 34.70 18.80
C GLY A 87 2.32 33.20 18.97
N GLY A 88 3.47 32.55 18.73
CA GLY A 88 3.54 31.11 18.78
C GLY A 88 2.93 30.39 17.59
N LYS A 89 2.58 31.11 16.53
CA LYS A 89 2.27 30.53 15.23
C LYS A 89 3.53 30.46 14.39
N ALA A 90 3.52 29.59 13.39
CA ALA A 90 4.62 29.55 12.44
C ALA A 90 4.05 29.50 11.03
N GLY A 91 4.91 29.80 10.06
CA GLY A 91 4.52 29.78 8.67
C GLY A 91 5.73 29.46 7.81
N THR A 92 5.45 29.03 6.59
CA THR A 92 6.53 28.73 5.66
C THR A 92 7.18 30.03 5.20
N ALA A 93 8.51 30.02 5.12
CA ALA A 93 9.27 31.10 4.51
C ALA A 93 10.21 30.52 3.47
N VAL A 94 10.52 31.33 2.45
CA VAL A 94 11.50 30.98 1.45
C VAL A 94 12.48 32.15 1.32
N GLY A 95 13.77 31.82 1.25
CA GLY A 95 14.81 32.81 1.08
C GLY A 95 15.93 32.26 0.22
N TYR A 96 16.90 33.14 -0.07
CA TYR A 96 18.10 32.64 -0.73
C TYR A 96 19.30 33.39 -0.18
N GLY A 97 20.47 32.73 -0.28
CA GLY A 97 21.74 33.37 -0.05
C GLY A 97 22.75 32.81 -1.04
N ARG A 98 23.99 33.27 -0.94
CA ARG A 98 25.05 32.78 -1.81
C ARG A 98 25.93 31.80 -1.03
N LEU A 99 26.08 30.59 -1.56
CA LEU A 99 27.02 29.64 -0.96
C LEU A 99 28.44 30.13 -1.17
N SER A 100 29.18 30.31 -0.08
CA SER A 100 30.54 30.82 -0.16
C SER A 100 31.41 29.86 -0.98
N ASP A 101 32.47 30.42 -1.54
CA ASP A 101 33.31 29.66 -2.47
C ASP A 101 34.01 28.48 -1.78
N ASP A 102 34.24 28.57 -0.47
CA ASP A 102 34.78 27.45 0.28
C ASP A 102 33.71 26.53 0.86
N ASP A 103 32.46 26.68 0.44
CA ASP A 103 31.31 25.86 0.86
C ASP A 103 30.99 26.00 2.35
N ALA A 104 31.61 26.93 3.06
CA ALA A 104 31.46 27.01 4.51
C ALA A 104 30.26 27.81 4.98
N ARG A 105 29.75 28.77 4.21
CA ARG A 105 28.71 29.60 4.78
C ARG A 105 27.77 30.08 3.70
N LEU A 106 26.54 30.38 4.10
CA LEU A 106 25.56 31.05 3.27
C LEU A 106 25.69 32.56 3.47
N GLU A 107 25.93 33.29 2.37
CA GLU A 107 26.17 34.72 2.45
C GLU A 107 24.87 35.50 2.28
N ASN A 108 24.62 36.43 3.21
CA ASN A 108 23.47 37.33 3.23
C ASN A 108 22.18 36.61 2.86
N PHE A 109 21.82 35.61 3.66
CA PHE A 109 20.56 34.92 3.46
C PHE A 109 19.41 35.90 3.69
N LYS A 110 18.52 36.01 2.71
CA LYS A 110 17.42 36.96 2.82
C LYS A 110 16.11 36.29 2.41
N VAL A 111 15.06 36.58 3.17
CA VAL A 111 13.74 36.00 2.93
C VAL A 111 13.05 36.78 1.82
N ILE A 112 12.54 36.05 0.82
CA ILE A 112 11.85 36.68 -0.29
C ILE A 112 10.36 36.37 -0.29
N PHE A 113 9.89 35.44 0.54
CA PHE A 113 8.47 35.14 0.60
C PHE A 113 8.15 34.59 1.99
N ARG A 114 7.02 35.03 2.52
CA ARG A 114 6.52 34.55 3.80
C ARG A 114 5.04 34.21 3.67
N GLN A 115 4.67 33.01 4.08
CA GLN A 115 3.26 32.68 4.21
C GLN A 115 2.64 33.56 5.29
N GLN A 116 1.56 34.27 4.94
CA GLN A 116 0.84 35.09 5.91
C GLN A 116 -0.65 34.78 5.82
N PRO A 117 -1.33 34.72 6.97
CA PRO A 117 -0.72 34.89 8.28
C PRO A 117 0.03 33.62 8.70
N LYS A 118 0.80 33.68 9.79
CA LYS A 118 1.32 32.47 10.39
C LYS A 118 0.17 31.78 11.13
N LEU A 119 -0.18 30.57 10.70
CA LEU A 119 -1.31 29.85 11.27
C LEU A 119 -0.96 28.47 11.80
N SER A 120 0.19 27.92 11.43
CA SER A 120 0.52 26.57 11.84
C SER A 120 1.06 26.55 13.26
N VAL A 121 0.78 25.45 13.96
CA VAL A 121 1.35 25.14 15.27
C VAL A 121 2.25 23.93 15.20
N GLY A 122 2.59 23.47 14.01
CA GLY A 122 3.49 22.35 13.86
C GLY A 122 3.22 21.48 12.65
N ASN A 123 2.14 21.75 11.91
CA ASN A 123 1.71 20.87 10.83
C ASN A 123 1.40 21.65 9.56
N HIS A 124 1.62 20.97 8.43
CA HIS A 124 1.16 21.39 7.12
C HIS A 124 1.82 22.71 6.66
N PHE A 125 3.15 22.71 6.62
CA PHE A 125 3.91 23.80 6.04
C PHE A 125 4.07 23.65 4.53
N GLY A 126 3.86 22.46 3.99
CA GLY A 126 4.27 22.20 2.63
C GLY A 126 5.79 22.30 2.55
N GLY A 127 6.28 23.23 1.74
CA GLY A 127 7.70 23.54 1.71
C GLY A 127 8.43 23.15 0.43
N LYS A 128 7.81 22.38 -0.46
CA LYS A 128 8.53 21.98 -1.67
C LYS A 128 8.66 23.17 -2.63
N LEU A 129 9.74 23.15 -3.40
CA LEU A 129 10.11 24.20 -4.33
C LEU A 129 10.45 23.56 -5.67
N ALA A 130 10.28 24.32 -6.75
CA ALA A 130 10.59 23.82 -8.08
C ALA A 130 10.54 24.96 -9.08
N PHE A 131 11.51 24.99 -10.01
CA PHE A 131 11.55 25.95 -11.10
C PHE A 131 10.85 25.36 -12.32
N ASP A 132 10.14 26.22 -13.07
CA ASP A 132 9.64 25.76 -14.36
C ASP A 132 10.70 26.00 -15.41
N ARG A 133 10.38 25.80 -16.69
CA ARG A 133 11.41 25.94 -17.72
C ARG A 133 11.79 27.40 -17.94
N GLN A 134 10.84 28.32 -17.81
CA GLN A 134 11.14 29.75 -17.94
C GLN A 134 11.70 30.35 -16.66
N GLY A 135 11.95 29.53 -15.63
CA GLY A 135 12.65 29.98 -14.44
C GLY A 135 11.81 30.62 -13.36
N TYR A 136 10.48 30.51 -13.41
CA TYR A 136 9.68 30.96 -12.27
C TYR A 136 9.81 29.96 -11.12
N LEU A 137 9.63 30.45 -9.90
CA LEU A 137 9.76 29.63 -8.70
C LEU A 137 8.36 29.25 -8.20
N PHE A 138 8.11 27.95 -8.09
CA PHE A 138 6.85 27.46 -7.53
C PHE A 138 7.07 27.05 -6.08
N ILE A 139 6.17 27.49 -5.20
CA ILE A 139 6.25 27.26 -3.77
C ILE A 139 4.95 26.60 -3.33
N ALA A 140 5.03 25.35 -2.85
CA ALA A 140 3.86 24.61 -2.41
C ALA A 140 3.65 24.85 -0.92
N LEU A 141 2.50 25.42 -0.57
CA LEU A 141 2.25 25.79 0.82
C LEU A 141 1.14 24.93 1.38
N GLY A 142 1.36 24.35 2.56
CA GLY A 142 0.31 23.68 3.27
C GLY A 142 -0.70 24.65 3.85
N GLU A 143 -1.85 24.09 4.23
CA GLU A 143 -2.94 24.84 4.84
C GLU A 143 -2.69 25.15 6.30
N ASN A 144 -1.52 24.77 6.83
CA ASN A 144 -1.20 24.94 8.25
C ASN A 144 -2.16 24.19 9.14
N ASN A 145 -2.89 23.23 8.55
CA ASN A 145 -3.97 22.52 9.23
C ASN A 145 -5.07 23.47 9.70
N GLN A 146 -5.37 24.49 8.89
CA GLN A 146 -6.61 25.27 9.04
C GLN A 146 -7.40 25.11 7.74
N ARG A 147 -8.22 24.07 7.67
CA ARG A 147 -8.80 23.63 6.39
C ARG A 147 -9.55 24.72 5.62
N PRO A 148 -10.36 25.58 6.23
CA PRO A 148 -11.12 26.55 5.40
C PRO A 148 -10.22 27.52 4.67
N THR A 149 -9.04 27.82 5.22
CA THR A 149 -8.18 28.84 4.64
C THR A 149 -7.70 28.47 3.25
N ALA A 150 -7.58 27.16 2.97
CA ALA A 150 -7.15 26.74 1.65
C ALA A 150 -8.03 27.32 0.57
N GLN A 151 -9.32 27.49 0.85
CA GLN A 151 -10.26 28.05 -0.10
C GLN A 151 -10.29 29.57 -0.07
N GLU A 152 -9.77 30.19 0.98
CA GLU A 152 -9.87 31.64 1.17
C GLU A 152 -8.86 32.36 0.30
N THR A 153 -9.36 33.07 -0.71
CA THR A 153 -8.54 33.70 -1.73
C THR A 153 -7.58 34.76 -1.17
N ASP A 154 -7.77 35.19 0.08
CA ASP A 154 -6.95 36.23 0.67
C ASP A 154 -5.93 35.68 1.66
N LYS A 155 -5.82 34.35 1.76
CA LYS A 155 -4.88 33.69 2.67
C LYS A 155 -3.86 32.91 1.85
N LEU A 156 -2.64 32.82 2.37
CA LEU A 156 -1.61 32.06 1.68
C LEU A 156 -1.54 30.60 2.13
N GLN A 157 -2.52 30.13 2.89
CA GLN A 157 -2.60 28.72 3.27
C GLN A 157 -3.22 27.92 2.13
N GLY A 158 -2.72 26.71 1.93
CA GLY A 158 -3.29 25.83 0.92
C GLY A 158 -3.07 26.33 -0.48
N LYS A 159 -2.01 27.09 -0.71
CA LYS A 159 -1.77 27.70 -2.00
C LYS A 159 -0.54 27.10 -2.63
N LEU A 160 -0.60 26.91 -3.94
CA LEU A 160 0.59 26.84 -4.76
C LEU A 160 0.89 28.25 -5.24
N VAL A 161 2.13 28.72 -5.03
CA VAL A 161 2.52 30.09 -5.36
C VAL A 161 3.53 30.06 -6.50
N ARG A 162 3.49 31.09 -7.36
CA ARG A 162 4.50 31.26 -8.40
C ARG A 162 5.07 32.66 -8.31
N LEU A 163 6.37 32.77 -8.03
CA LEU A 163 7.08 34.05 -8.06
C LEU A 163 8.18 33.99 -9.11
N THR A 164 8.73 35.17 -9.45
CA THR A 164 9.97 35.19 -10.20
C THR A 164 11.10 34.73 -9.28
N ALA A 165 12.25 34.44 -9.90
CA ALA A 165 13.39 33.95 -9.14
C ALA A 165 13.80 34.92 -8.03
N GLU A 166 13.50 36.21 -8.19
CA GLU A 166 13.85 37.18 -7.17
C GLU A 166 12.74 37.38 -6.15
N GLY A 167 11.61 36.70 -6.30
CA GLY A 167 10.48 36.87 -5.40
C GLY A 167 9.49 37.92 -5.80
N ALA A 168 9.51 38.37 -7.06
CA ALA A 168 8.48 39.29 -7.54
C ALA A 168 7.23 38.53 -7.98
N VAL A 169 6.08 39.21 -7.95
CA VAL A 169 4.84 38.66 -8.49
C VAL A 169 4.85 38.84 -10.00
N PRO A 170 4.79 37.79 -10.80
CA PRO A 170 4.74 37.98 -12.26
C PRO A 170 3.48 38.74 -12.64
N PRO A 171 3.57 39.72 -13.54
CA PRO A 171 2.35 40.43 -13.96
C PRO A 171 1.36 39.49 -14.61
N ASP A 172 1.82 38.28 -14.96
CA ASP A 172 1.10 37.23 -15.64
C ASP A 172 0.27 36.36 -14.70
N ASN A 173 0.53 36.43 -13.39
CA ASN A 173 -0.10 35.53 -12.45
C ASN A 173 -1.62 35.65 -12.54
N PRO A 174 -2.35 34.55 -12.29
CA PRO A 174 -3.79 34.54 -12.64
C PRO A 174 -4.64 35.48 -11.82
N TRP A 175 -4.21 35.86 -10.61
CA TRP A 175 -5.00 36.73 -9.75
C TRP A 175 -4.46 38.16 -9.68
N VAL A 176 -3.51 38.56 -10.54
CA VAL A 176 -3.04 39.94 -10.48
C VAL A 176 -4.16 40.85 -10.97
N GLY A 177 -4.33 41.97 -10.28
CA GLY A 177 -5.40 42.90 -10.61
C GLY A 177 -6.76 42.58 -10.00
N GLN A 178 -6.96 41.35 -9.53
CA GLN A 178 -8.23 40.98 -8.92
C GLN A 178 -8.21 41.35 -7.43
N ALA A 179 -9.36 41.80 -6.93
CA ALA A 179 -9.42 42.40 -5.60
C ALA A 179 -9.57 41.35 -4.51
N GLY A 180 -8.91 41.59 -3.38
CA GLY A 180 -8.97 40.69 -2.25
C GLY A 180 -8.33 39.32 -2.47
N LYS A 181 -7.70 39.10 -3.62
CA LYS A 181 -7.00 37.84 -3.89
C LYS A 181 -5.50 38.07 -3.79
N ARG A 182 -4.80 37.08 -3.24
CA ARG A 182 -3.34 37.17 -3.14
C ARG A 182 -2.73 37.01 -4.53
N PRO A 183 -2.01 38.01 -5.04
CA PRO A 183 -1.48 37.91 -6.40
C PRO A 183 -0.36 36.89 -6.55
N GLU A 184 0.22 36.43 -5.44
CA GLU A 184 1.23 35.38 -5.50
C GLU A 184 0.68 34.03 -5.88
N VAL A 185 -0.65 33.83 -5.74
CA VAL A 185 -1.22 32.48 -5.82
C VAL A 185 -1.27 32.00 -7.26
N TRP A 186 -0.91 30.74 -7.48
CA TRP A 186 -1.09 30.08 -8.76
C TRP A 186 -2.33 29.18 -8.78
N SER A 187 -2.47 28.30 -7.79
CA SER A 187 -3.65 27.48 -7.61
C SER A 187 -3.96 27.41 -6.13
N TYR A 188 -5.17 26.97 -5.79
CA TYR A 188 -5.61 27.01 -4.40
C TYR A 188 -6.47 25.78 -4.11
N GLY A 189 -6.89 25.64 -2.85
CA GLY A 189 -7.61 24.46 -2.44
C GLY A 189 -6.75 23.27 -2.11
N HIS A 190 -5.48 23.47 -1.77
CA HIS A 190 -4.60 22.36 -1.40
C HIS A 190 -4.58 22.19 0.11
N ARG A 191 -4.18 21.00 0.54
CA ARG A 191 -4.11 20.72 1.97
C ARG A 191 -2.67 20.71 2.47
N ASN A 192 -1.91 19.64 2.18
CA ASN A 192 -0.48 19.62 2.50
C ASN A 192 0.33 18.99 1.38
N PRO A 193 0.82 19.79 0.45
CA PRO A 193 1.65 19.24 -0.64
C PRO A 193 3.03 18.90 -0.13
N GLN A 194 3.50 17.70 -0.51
CA GLN A 194 4.88 17.33 -0.20
C GLN A 194 5.60 16.82 -1.45
N GLY A 195 5.06 17.10 -2.63
CA GLY A 195 5.71 16.77 -3.88
C GLY A 195 5.48 17.89 -4.86
N LEU A 196 6.50 18.29 -5.60
CA LEU A 196 6.40 19.40 -6.55
C LEU A 196 7.52 19.25 -7.56
N ALA A 197 7.18 18.98 -8.82
CA ALA A 197 8.21 18.68 -9.79
C ALA A 197 7.75 19.06 -11.19
N LEU A 198 8.72 19.39 -12.03
CA LEU A 198 8.47 19.80 -13.40
C LEU A 198 8.49 18.59 -14.32
N ASN A 199 7.39 18.36 -15.03
CA ASN A 199 7.35 17.27 -16.00
C ASN A 199 8.32 17.57 -17.13
N PRO A 200 9.35 16.75 -17.33
CA PRO A 200 10.37 17.07 -18.34
C PRO A 200 9.87 16.92 -19.76
N TRP A 201 8.75 16.27 -20.00
CA TRP A 201 8.25 16.07 -21.36
C TRP A 201 7.12 17.01 -21.71
N SER A 202 6.37 17.48 -20.71
CA SER A 202 5.26 18.38 -20.93
C SER A 202 5.57 19.82 -20.56
N GLY A 203 6.60 20.04 -19.73
CA GLY A 203 6.89 21.36 -19.23
C GLY A 203 5.95 21.86 -18.16
N ALA A 204 5.05 21.02 -17.66
CA ALA A 204 4.06 21.42 -16.67
C ALA A 204 4.51 21.03 -15.27
N ILE A 205 4.16 21.86 -14.29
CA ILE A 205 4.41 21.48 -12.90
C ILE A 205 3.36 20.46 -12.47
N TRP A 206 3.81 19.36 -11.86
CA TRP A 206 2.92 18.41 -11.19
C TRP A 206 3.12 18.53 -9.68
N GLU A 207 2.12 18.09 -8.94
CA GLU A 207 2.12 18.27 -7.50
C GLU A 207 1.41 17.09 -6.88
N HIS A 208 1.86 16.68 -5.68
CA HIS A 208 1.05 15.75 -4.90
C HIS A 208 0.94 16.26 -3.48
N GLU A 209 -0.04 15.70 -2.75
CA GLU A 209 -0.38 16.24 -1.44
C GLU A 209 -1.18 15.21 -0.65
N HIS A 210 -1.09 15.31 0.67
CA HIS A 210 -2.14 14.76 1.54
C HIS A 210 -3.41 15.56 1.27
N GLY A 211 -4.48 14.89 0.82
CA GLY A 211 -5.57 15.53 0.13
C GLY A 211 -6.78 15.93 0.98
N PRO A 212 -7.50 16.97 0.53
CA PRO A 212 -8.51 17.60 1.41
C PRO A 212 -9.76 16.77 1.62
N ARG A 213 -9.94 15.65 0.92
CA ARG A 213 -11.03 14.72 1.23
C ARG A 213 -10.53 13.50 1.96
N GLY A 214 -9.31 13.54 2.48
CA GLY A 214 -8.65 12.35 2.96
C GLY A 214 -7.83 11.69 1.87
N GLY A 215 -6.87 10.89 2.30
CA GLY A 215 -5.99 10.21 1.37
C GLY A 215 -5.04 11.18 0.70
N ASP A 216 -4.32 10.65 -0.30
CA ASP A 216 -3.30 11.42 -0.99
C ASP A 216 -3.67 11.48 -2.46
N GLU A 217 -3.14 12.49 -3.16
CA GLU A 217 -3.52 12.68 -4.55
C GLU A 217 -2.38 13.35 -5.30
N LEU A 218 -2.39 13.14 -6.61
CA LEU A 218 -1.44 13.73 -7.56
C LEU A 218 -2.24 14.58 -8.54
N ASN A 219 -1.77 15.81 -8.79
CA ASN A 219 -2.49 16.78 -9.61
C ASN A 219 -1.57 17.39 -10.66
N ILE A 220 -2.19 18.03 -11.66
CA ILE A 220 -1.48 18.95 -12.54
C ILE A 220 -2.10 20.32 -12.32
N PRO A 221 -1.61 21.11 -11.38
CA PRO A 221 -2.30 22.36 -11.02
C PRO A 221 -2.28 23.38 -12.14
N LEU A 222 -3.48 23.84 -12.52
CA LEU A 222 -3.77 24.87 -13.52
C LEU A 222 -3.99 26.21 -12.85
N PRO A 223 -3.60 27.30 -13.53
CA PRO A 223 -3.62 28.63 -12.91
C PRO A 223 -5.04 29.11 -12.60
N GLY A 224 -5.26 29.49 -11.34
CA GLY A 224 -6.54 29.97 -10.88
C GLY A 224 -7.53 28.92 -10.48
N LYS A 225 -7.22 27.64 -10.66
CA LYS A 225 -8.19 26.59 -10.41
C LYS A 225 -8.19 26.15 -8.95
N ASN A 226 -9.33 25.63 -8.52
CA ASN A 226 -9.57 25.25 -7.14
C ASN A 226 -9.46 23.73 -7.03
N TYR A 227 -8.60 23.26 -6.12
CA TYR A 227 -8.38 21.83 -5.96
C TYR A 227 -9.12 21.26 -4.73
N GLY A 228 -10.11 21.99 -4.23
CA GLY A 228 -11.10 21.37 -3.35
C GLY A 228 -10.82 21.46 -1.87
N THR A 254 -14.85 22.21 -9.05
CA THR A 254 -13.46 22.09 -8.62
C THR A 254 -12.75 20.97 -9.37
N GLU A 255 -11.42 21.01 -9.37
CA GLU A 255 -10.62 20.09 -10.17
C GLU A 255 -10.36 18.78 -9.42
N GLN A 256 -10.19 17.70 -10.20
CA GLN A 256 -10.14 16.34 -9.68
C GLN A 256 -8.79 15.70 -9.98
N PRO A 257 -8.32 14.82 -9.10
CA PRO A 257 -6.92 14.38 -9.17
C PRO A 257 -6.62 13.52 -10.40
N LEU A 258 -5.33 13.54 -10.77
CA LEU A 258 -4.81 12.62 -11.77
C LEU A 258 -4.79 11.18 -11.24
N HIS A 259 -4.68 11.02 -9.93
CA HIS A 259 -4.53 9.73 -9.29
C HIS A 259 -4.76 9.94 -7.80
N TYR A 260 -5.45 8.98 -7.16
CA TYR A 260 -5.92 9.16 -5.80
C TYR A 260 -5.69 7.88 -5.00
N TRP A 261 -5.21 8.04 -3.77
CA TRP A 261 -5.01 6.94 -2.82
C TRP A 261 -5.91 7.20 -1.63
N ARG A 262 -6.98 6.41 -1.49
CA ARG A 262 -7.91 6.66 -0.39
C ARG A 262 -7.23 6.49 0.97
N VAL A 263 -6.41 5.46 1.11
CA VAL A 263 -5.59 5.27 2.30
C VAL A 263 -4.23 5.87 1.97
N SER A 264 -3.84 6.91 2.70
CA SER A 264 -2.59 7.64 2.42
C SER A 264 -1.36 6.77 2.60
N PRO A 265 -0.58 6.54 1.54
CA PRO A 265 0.78 5.98 1.76
C PRO A 265 1.71 6.95 2.48
N GLY A 266 1.32 8.23 2.61
CA GLY A 266 2.22 9.22 3.15
C GLY A 266 3.18 9.70 2.09
N LEU A 267 2.64 10.22 0.98
CA LEU A 267 3.47 10.63 -0.14
C LEU A 267 4.42 11.73 0.29
N SER A 268 5.66 11.62 -0.17
CA SER A 268 6.70 12.59 0.18
C SER A 268 7.76 12.53 -0.91
N GLY A 269 8.05 13.67 -1.54
CA GLY A 269 9.09 13.71 -2.56
C GLY A 269 8.57 13.29 -3.93
N MET A 270 9.17 13.81 -5.00
CA MET A 270 8.69 13.48 -6.34
C MET A 270 9.78 13.74 -7.36
N ALA A 271 9.96 12.83 -8.31
CA ALA A 271 10.98 13.02 -9.34
C ALA A 271 10.57 12.25 -10.59
N PHE A 272 10.59 12.92 -11.73
CA PHE A 272 10.39 12.24 -13.01
C PHE A 272 11.70 11.66 -13.47
N TYR A 273 11.67 10.46 -14.04
CA TYR A 273 12.87 9.81 -14.53
C TYR A 273 12.95 10.00 -16.04
N ASP A 274 13.95 10.76 -16.49
CA ASP A 274 14.19 10.91 -17.92
C ASP A 274 15.63 10.60 -18.29
N GLY A 275 16.42 10.05 -17.38
CA GLY A 275 17.78 9.67 -17.69
C GLY A 275 17.84 8.55 -18.70
N GLN A 276 19.08 8.25 -19.12
CA GLN A 276 19.31 7.24 -20.14
C GLN A 276 19.78 5.91 -19.55
N ARG A 277 20.30 5.92 -18.32
CA ARG A 277 20.93 4.74 -17.76
C ARG A 277 19.97 3.57 -17.68
N PHE A 278 18.72 3.81 -17.29
CA PHE A 278 17.74 2.75 -17.08
C PHE A 278 16.53 2.98 -17.99
N PRO A 279 16.51 2.36 -19.17
CA PRO A 279 15.36 2.57 -20.08
C PRO A 279 14.03 2.16 -19.48
N ALA A 280 13.99 1.08 -18.71
CA ALA A 280 12.72 0.62 -18.13
C ALA A 280 12.06 1.67 -17.25
N TRP A 281 12.81 2.67 -16.78
CA TRP A 281 12.27 3.67 -15.88
C TRP A 281 11.92 4.98 -16.56
N ARG A 282 12.31 5.16 -17.82
CA ARG A 282 11.95 6.39 -18.52
C ARG A 282 10.43 6.49 -18.62
N HIS A 283 9.93 7.70 -18.41
CA HIS A 283 8.50 8.00 -18.38
C HIS A 283 7.82 7.47 -17.13
N SER A 284 8.59 7.28 -16.08
CA SER A 284 8.06 6.95 -14.77
C SER A 284 8.15 8.17 -13.85
N LEU A 285 7.19 8.23 -12.92
CA LEU A 285 7.21 9.22 -11.84
C LEU A 285 7.44 8.50 -10.53
N PHE A 286 8.44 8.93 -9.77
CA PHE A 286 8.79 8.26 -8.53
C PHE A 286 8.37 9.12 -7.34
N ILE A 287 7.74 8.50 -6.35
CA ILE A 287 7.22 9.22 -5.19
C ILE A 287 7.55 8.41 -3.93
N GLY A 288 8.03 9.09 -2.90
CA GLY A 288 8.31 8.40 -1.63
C GLY A 288 7.04 8.15 -0.83
N ALA A 289 7.06 7.12 0.00
CA ALA A 289 5.95 6.82 0.90
C ALA A 289 6.48 6.78 2.32
N LEU A 290 5.99 7.68 3.17
CA LEU A 290 6.44 7.69 4.56
C LEU A 290 5.75 6.58 5.38
N ALA A 291 4.42 6.63 5.47
CA ALA A 291 3.71 5.66 6.30
C ALA A 291 3.85 4.23 5.77
N GLN A 292 3.79 4.04 4.45
CA GLN A 292 3.88 2.69 3.92
C GLN A 292 5.32 2.29 3.59
N LYS A 293 6.29 3.17 3.84
CA LYS A 293 7.70 2.82 3.89
C LYS A 293 8.16 2.12 2.61
N ALA A 294 8.03 2.82 1.49
CA ALA A 294 8.35 2.22 0.21
C ALA A 294 8.58 3.33 -0.80
N LEU A 295 9.11 2.94 -1.95
CA LEU A 295 9.28 3.87 -3.07
C LEU A 295 8.20 3.54 -4.10
N ILE A 296 7.42 4.55 -4.51
CA ILE A 296 6.30 4.33 -5.42
C ILE A 296 6.75 4.70 -6.83
N ARG A 297 6.51 3.81 -7.80
CA ARG A 297 6.84 4.13 -9.18
C ARG A 297 5.56 4.14 -10.01
N LEU A 298 5.21 5.30 -10.57
CA LEU A 298 4.01 5.40 -11.40
C LEU A 298 4.42 5.43 -12.86
N THR A 299 3.84 4.54 -13.66
CA THR A 299 4.10 4.55 -15.09
C THR A 299 3.19 5.58 -15.74
N LEU A 300 3.77 6.44 -16.58
CA LEU A 300 3.06 7.54 -17.20
C LEU A 300 2.90 7.31 -18.70
N GLU A 301 1.73 7.63 -19.22
CA GLU A 301 1.50 7.71 -20.67
C GLU A 301 0.87 9.07 -20.91
N GLY A 302 1.72 10.04 -21.28
CA GLY A 302 1.26 11.41 -21.29
C GLY A 302 0.86 11.82 -19.89
N ASP A 303 -0.32 12.45 -19.76
CA ASP A 303 -0.81 12.93 -18.49
C ASP A 303 -1.58 11.90 -17.68
N LYS A 304 -1.50 10.60 -18.02
CA LYS A 304 -2.28 9.61 -17.31
C LYS A 304 -1.37 8.60 -16.62
N VAL A 305 -1.78 8.17 -15.42
CA VAL A 305 -1.11 7.11 -14.67
C VAL A 305 -1.72 5.78 -15.07
N VAL A 306 -0.93 4.89 -15.68
CA VAL A 306 -1.42 3.59 -16.13
C VAL A 306 -1.00 2.44 -15.24
N ALA A 307 -0.11 2.66 -14.26
CA ALA A 307 0.35 1.58 -13.39
C ALA A 307 1.07 2.17 -12.18
N GLU A 308 0.96 1.47 -11.05
CA GLU A 308 1.69 1.82 -9.84
C GLU A 308 2.44 0.58 -9.35
N GLU A 309 3.77 0.66 -9.33
CA GLU A 309 4.63 -0.37 -8.76
C GLU A 309 5.16 0.07 -7.39
N ARG A 310 5.39 -0.90 -6.51
CA ARG A 310 5.96 -0.63 -5.18
C ARG A 310 7.39 -1.19 -5.13
N LEU A 311 8.35 -0.37 -4.68
CA LEU A 311 9.74 -0.79 -4.59
C LEU A 311 10.29 -0.50 -3.20
N LEU A 312 11.32 -1.27 -2.82
CA LEU A 312 12.12 -1.08 -1.61
C LEU A 312 11.36 -1.34 -0.33
N GLY A 313 10.18 -1.98 -0.41
CA GLY A 313 9.43 -2.29 0.80
C GLY A 313 10.21 -3.17 1.77
N ASP A 314 11.13 -3.98 1.27
CA ASP A 314 11.89 -4.87 2.16
C ASP A 314 12.81 -4.11 3.10
N ARG A 315 13.18 -2.87 2.75
CA ARG A 315 14.09 -2.11 3.60
C ARG A 315 13.38 -1.54 4.83
N GLY A 316 12.07 -1.37 4.78
CA GLY A 316 11.35 -0.85 5.94
C GLY A 316 11.65 0.60 6.28
N GLU A 317 11.95 1.43 5.29
CA GLU A 317 12.34 2.81 5.56
C GLU A 317 11.27 3.78 5.08
N ARG A 318 11.07 4.83 5.87
CA ARG A 318 10.23 5.96 5.47
C ARG A 318 10.94 6.80 4.41
N ILE A 319 10.35 6.91 3.22
CA ILE A 319 11.00 7.63 2.12
C ILE A 319 10.43 9.04 2.06
N ARG A 320 11.30 10.01 2.37
CA ARG A 320 10.99 11.42 2.50
C ARG A 320 11.27 12.22 1.24
N GLU A 321 12.35 11.90 0.54
CA GLU A 321 12.79 12.73 -0.59
C GLU A 321 13.16 11.81 -1.75
N VAL A 322 12.88 12.26 -2.97
CA VAL A 322 13.27 11.55 -4.18
C VAL A 322 13.76 12.57 -5.20
N ARG A 323 14.95 12.35 -5.76
CA ARG A 323 15.48 13.20 -6.81
C ARG A 323 16.10 12.36 -7.92
N SER A 324 15.87 12.77 -9.16
CA SER A 324 16.57 12.19 -10.30
C SER A 324 17.94 12.83 -10.40
N GLY A 325 19.00 12.02 -10.34
CA GLY A 325 20.34 12.54 -10.38
C GLY A 325 20.86 12.68 -11.80
N PRO A 326 21.82 13.58 -12.00
CA PRO A 326 22.35 13.79 -13.37
C PRO A 326 23.13 12.60 -13.89
N ASP A 327 23.48 11.64 -13.03
CA ASP A 327 24.16 10.41 -13.42
C ASP A 327 23.19 9.28 -13.76
N GLY A 328 21.89 9.55 -13.82
CA GLY A 328 20.89 8.55 -14.15
C GLY A 328 20.44 7.63 -13.03
N TYR A 329 20.87 7.87 -11.80
CA TYR A 329 20.34 7.15 -10.65
C TYR A 329 19.32 8.00 -9.90
N LEU A 330 18.51 7.34 -9.09
CA LEU A 330 17.62 7.99 -8.15
C LEU A 330 18.33 8.19 -6.82
N TYR A 331 18.06 9.32 -6.16
CA TYR A 331 18.60 9.58 -4.84
C TYR A 331 17.44 9.79 -3.88
N LEU A 332 17.52 9.13 -2.72
CA LEU A 332 16.47 9.15 -1.72
C LEU A 332 17.03 9.60 -0.38
N LEU A 333 16.20 10.26 0.44
CA LEU A 333 16.48 10.41 1.86
C LEU A 333 15.44 9.66 2.68
N THR A 334 15.87 9.00 3.75
CA THR A 334 14.92 8.35 4.64
C THR A 334 14.64 9.19 5.88
N ASP A 335 13.40 9.14 6.37
CA ASP A 335 12.99 10.03 7.45
C ASP A 335 13.06 9.29 8.77
N GLU A 336 14.23 9.32 9.40
CA GLU A 336 14.43 8.69 10.69
C GLU A 336 15.44 9.52 11.46
N ARG A 337 15.57 9.21 12.76
CA ARG A 337 16.64 9.81 13.55
C ARG A 337 18.01 9.45 12.97
N ASP A 338 18.16 8.20 12.53
CA ASP A 338 19.35 7.77 11.80
C ASP A 338 19.02 7.71 10.31
N GLY A 339 18.88 8.90 9.72
CA GLY A 339 18.45 9.01 8.34
C GLY A 339 19.56 8.70 7.36
N LYS A 340 19.16 8.21 6.19
CA LYS A 340 20.10 7.71 5.20
C LYS A 340 19.93 8.46 3.88
N LEU A 341 21.04 8.55 3.16
CA LEU A 341 21.06 8.94 1.75
C LEU A 341 21.27 7.68 0.93
N LEU A 342 20.36 7.41 0.00
CA LEU A 342 20.37 6.18 -0.78
C LEU A 342 20.46 6.49 -2.27
N LYS A 343 21.18 5.66 -3.00
CA LYS A 343 21.28 5.75 -4.45
C LYS A 343 20.66 4.49 -5.04
N VAL A 344 19.70 4.66 -5.95
CA VAL A 344 18.83 3.56 -6.38
C VAL A 344 18.88 3.45 -7.89
N GLY A 345 19.10 2.22 -8.38
CA GLY A 345 19.12 1.97 -9.80
C GLY A 345 18.23 0.77 -10.12
N ALA A 346 17.91 0.62 -11.39
CA ALA A 346 17.07 -0.50 -11.78
C ALA A 346 17.90 -1.77 -11.86
N SER A 347 17.21 -2.90 -12.06
CA SER A 347 17.79 -4.25 -12.07
C SER A 347 18.18 -4.71 -10.67
N PRO B 2 -7.58 0.11 -14.80
CA PRO B 2 -8.52 -1.01 -14.73
C PRO B 2 -10.00 -0.60 -14.83
N THR B 3 -10.82 -1.52 -15.32
CA THR B 3 -12.26 -1.33 -15.41
C THR B 3 -12.93 -1.99 -14.22
N VAL B 4 -13.89 -1.28 -13.62
CA VAL B 4 -14.63 -1.81 -12.48
C VAL B 4 -16.10 -1.64 -12.75
N SER B 5 -16.87 -2.71 -12.56
CA SER B 5 -18.32 -2.66 -12.60
C SER B 5 -18.85 -3.24 -11.29
N GLN B 6 -19.75 -2.49 -10.65
CA GLN B 6 -20.36 -2.98 -9.42
C GLN B 6 -21.54 -3.88 -9.79
N LEU B 7 -21.48 -5.16 -9.39
CA LEU B 7 -22.53 -6.11 -9.76
C LEU B 7 -23.63 -6.21 -8.71
N GLN B 8 -23.33 -5.89 -7.45
CA GLN B 8 -24.27 -6.10 -6.38
C GLN B 8 -23.80 -5.31 -5.17
N ASP B 9 -24.75 -4.78 -4.40
CA ASP B 9 -24.42 -4.13 -3.15
C ASP B 9 -25.33 -4.68 -2.07
N GLY B 10 -25.24 -4.14 -0.86
CA GLY B 10 -26.10 -4.63 0.20
C GLY B 10 -25.75 -6.00 0.76
N LEU B 11 -24.54 -6.49 0.48
CA LEU B 11 -24.08 -7.75 1.06
C LEU B 11 -23.45 -7.45 2.41
N GLU B 12 -23.98 -8.05 3.48
CA GLU B 12 -23.49 -7.74 4.83
C GLU B 12 -22.20 -8.53 5.10
N HIS B 13 -21.07 -7.82 5.13
CA HIS B 13 -19.77 -8.41 5.38
C HIS B 13 -19.55 -9.69 4.57
N PRO B 14 -19.62 -9.61 3.24
CA PRO B 14 -19.44 -10.81 2.42
C PRO B 14 -18.01 -11.32 2.56
N TRP B 15 -17.85 -12.64 2.44
CA TRP B 15 -16.56 -13.24 2.79
C TRP B 15 -16.00 -14.12 1.69
N SER B 16 -16.83 -14.89 1.01
CA SER B 16 -16.37 -15.82 0.00
C SER B 16 -17.26 -15.72 -1.22
N LEU B 17 -16.69 -15.95 -2.39
CA LEU B 17 -17.49 -16.16 -3.57
C LEU B 17 -16.91 -17.32 -4.38
N ALA B 18 -17.75 -17.93 -5.20
CA ALA B 18 -17.30 -19.00 -6.08
C ALA B 18 -18.24 -19.14 -7.25
N PHE B 19 -17.68 -19.51 -8.41
CA PHE B 19 -18.44 -19.62 -9.65
C PHE B 19 -19.08 -20.99 -9.80
N LEU B 20 -20.32 -21.00 -10.24
CA LEU B 20 -20.98 -22.17 -10.76
C LEU B 20 -20.70 -22.31 -12.25
N PRO B 21 -20.87 -23.50 -12.83
CA PRO B 21 -20.45 -23.69 -14.24
C PRO B 21 -21.34 -22.92 -15.19
N ALA B 22 -20.79 -22.68 -16.39
CA ALA B 22 -21.45 -21.96 -17.46
C ALA B 22 -21.95 -20.61 -16.96
N GLU B 23 -23.25 -20.37 -17.10
CA GLU B 23 -23.86 -19.11 -16.72
C GLU B 23 -24.78 -19.26 -15.51
N GLN B 24 -24.53 -20.27 -14.67
CA GLN B 24 -25.40 -20.54 -13.52
C GLN B 24 -25.25 -19.50 -12.42
N GLY B 25 -24.17 -18.70 -12.45
CA GLY B 25 -23.99 -17.64 -11.49
C GLY B 25 -22.87 -17.91 -10.51
N LEU B 26 -22.96 -17.32 -9.33
CA LEU B 26 -21.91 -17.53 -8.34
C LEU B 26 -22.50 -17.42 -6.94
N LEU B 27 -21.91 -18.16 -6.00
CA LEU B 27 -22.38 -18.18 -4.62
C LEU B 27 -21.59 -17.18 -3.79
N ILE B 28 -22.25 -16.61 -2.78
CA ILE B 28 -21.60 -15.63 -1.91
C ILE B 28 -22.01 -15.91 -0.47
N THR B 29 -21.04 -15.89 0.43
CA THR B 29 -21.32 -15.94 1.85
C THR B 29 -21.37 -14.54 2.44
N GLU B 30 -22.31 -14.34 3.34
CA GLU B 30 -22.34 -13.19 4.22
C GLU B 30 -21.97 -13.70 5.60
N ARG B 31 -20.92 -13.14 6.17
CA ARG B 31 -20.39 -13.69 7.42
C ARG B 31 -21.42 -13.82 8.54
N PRO B 32 -22.40 -12.91 8.72
CA PRO B 32 -23.43 -13.14 9.74
C PRO B 32 -24.09 -14.51 9.66
N GLY B 33 -24.14 -15.12 8.48
CA GLY B 33 -24.43 -16.53 8.37
C GLY B 33 -25.38 -16.90 7.26
N ARG B 34 -25.31 -16.23 6.11
CA ARG B 34 -26.23 -16.46 5.02
C ARG B 34 -25.48 -16.80 3.73
N LEU B 35 -26.04 -17.70 2.94
CA LEU B 35 -25.51 -18.04 1.62
C LEU B 35 -26.45 -17.52 0.55
N ARG B 36 -25.89 -16.83 -0.44
CA ARG B 36 -26.68 -16.24 -1.52
C ARG B 36 -26.17 -16.74 -2.87
N LEU B 37 -27.06 -16.71 -3.85
CA LEU B 37 -26.71 -16.97 -5.24
C LEU B 37 -26.98 -15.70 -6.04
N TRP B 38 -26.03 -15.32 -6.88
CA TRP B 38 -26.16 -14.14 -7.74
C TRP B 38 -26.06 -14.57 -9.19
N GLN B 39 -26.87 -13.96 -10.04
CA GLN B 39 -26.90 -14.31 -11.45
C GLN B 39 -27.09 -13.06 -12.30
N GLN B 40 -26.46 -13.07 -13.48
CA GLN B 40 -26.50 -11.99 -14.46
C GLN B 40 -27.89 -11.40 -14.65
N ASP B 41 -28.90 -12.25 -14.80
CA ASP B 41 -30.23 -11.82 -15.20
C ASP B 41 -31.19 -11.64 -14.05
N LYS B 42 -31.05 -12.41 -12.97
CA LYS B 42 -32.03 -12.44 -11.88
C LYS B 42 -31.55 -11.73 -10.63
N GLY B 43 -30.29 -11.30 -10.58
CA GLY B 43 -29.79 -10.58 -9.42
C GLY B 43 -29.52 -11.49 -8.24
N LEU B 44 -29.76 -10.97 -7.04
CA LEU B 44 -29.42 -11.67 -5.81
C LEU B 44 -30.59 -12.49 -5.30
N SER B 45 -30.34 -13.77 -5.05
CA SER B 45 -31.32 -14.69 -4.49
C SER B 45 -31.58 -14.38 -3.01
N PRO B 46 -32.72 -14.83 -2.48
CA PRO B 46 -32.93 -14.84 -1.03
C PRO B 46 -31.96 -15.81 -0.36
N PRO B 47 -31.84 -15.76 0.97
CA PRO B 47 -30.92 -16.69 1.65
C PRO B 47 -31.28 -18.14 1.36
N ILE B 48 -30.27 -18.92 1.00
CA ILE B 48 -30.47 -20.34 0.70
C ILE B 48 -30.64 -21.10 2.00
N ALA B 49 -31.65 -21.97 2.04
CA ALA B 49 -31.96 -22.70 3.26
C ALA B 49 -30.97 -23.85 3.47
N GLY B 50 -30.81 -24.25 4.73
CA GLY B 50 -30.00 -25.40 5.07
C GLY B 50 -28.56 -25.09 5.38
N VAL B 51 -28.23 -23.82 5.60
CA VAL B 51 -26.89 -23.42 6.01
C VAL B 51 -26.77 -23.65 7.50
N PRO B 52 -25.65 -24.14 8.00
CA PRO B 52 -25.52 -24.39 9.45
C PRO B 52 -25.58 -23.11 10.27
N GLN B 53 -25.97 -23.25 11.53
CA GLN B 53 -25.77 -22.18 12.49
C GLN B 53 -24.29 -21.88 12.62
N VAL B 54 -23.96 -20.60 12.82
CA VAL B 54 -22.56 -20.19 12.88
C VAL B 54 -22.32 -19.39 14.16
N TYR B 55 -21.04 -19.30 14.52
CA TYR B 55 -20.59 -18.48 15.63
C TYR B 55 -20.23 -17.11 15.06
N ALA B 56 -21.19 -16.18 15.10
CA ALA B 56 -21.03 -14.88 14.45
C ALA B 56 -20.45 -13.82 15.39
N GLU B 57 -19.45 -14.17 16.21
CA GLU B 57 -18.78 -13.19 17.06
C GLU B 57 -17.46 -12.77 16.42
N GLY B 58 -17.22 -11.45 16.40
CA GLY B 58 -15.95 -10.91 15.94
C GLY B 58 -15.67 -11.27 14.49
N GLN B 59 -14.57 -11.99 14.28
CA GLN B 59 -14.17 -12.47 12.96
C GLN B 59 -14.95 -13.69 12.51
N GLY B 60 -15.72 -14.33 13.40
CA GLY B 60 -16.36 -15.58 13.05
C GLY B 60 -17.68 -15.43 12.33
N GLY B 61 -18.13 -16.51 11.71
CA GLY B 61 -19.40 -16.57 10.99
C GLY B 61 -19.33 -17.56 9.86
N LEU B 62 -20.13 -17.37 8.83
CA LEU B 62 -20.03 -18.23 7.64
C LEU B 62 -18.81 -17.72 6.88
N LEU B 63 -17.94 -18.65 6.48
CA LEU B 63 -16.67 -18.23 5.86
C LEU B 63 -16.62 -18.68 4.41
N GLU B 64 -15.92 -19.76 4.10
CA GLU B 64 -15.73 -20.07 2.67
C GLU B 64 -16.87 -20.86 2.05
N VAL B 65 -17.13 -20.60 0.78
CA VAL B 65 -18.07 -21.43 0.00
C VAL B 65 -17.25 -21.96 -1.16
N LEU B 66 -17.26 -23.27 -1.36
CA LEU B 66 -16.46 -23.88 -2.41
C LEU B 66 -17.19 -25.04 -3.09
N PRO B 67 -17.64 -24.85 -4.33
CA PRO B 67 -18.19 -25.99 -5.09
C PRO B 67 -17.16 -27.07 -5.33
N ALA B 68 -17.65 -28.30 -5.41
CA ALA B 68 -16.76 -29.42 -5.68
C ALA B 68 -16.21 -29.32 -7.10
N PRO B 69 -15.04 -29.91 -7.36
CA PRO B 69 -14.51 -29.91 -8.73
C PRO B 69 -15.46 -30.50 -9.74
N ASP B 70 -16.32 -31.42 -9.33
CA ASP B 70 -17.28 -32.05 -10.22
C ASP B 70 -18.70 -31.55 -9.94
N PHE B 71 -18.84 -30.29 -9.49
CA PHE B 71 -20.16 -29.73 -9.19
C PHE B 71 -21.12 -29.94 -10.36
N ALA B 72 -20.63 -29.86 -11.59
CA ALA B 72 -21.50 -30.06 -12.74
C ALA B 72 -22.18 -31.42 -12.67
N ALA B 73 -21.45 -32.46 -12.25
CA ALA B 73 -22.10 -33.75 -12.06
C ALA B 73 -22.75 -33.88 -10.69
N SER B 74 -22.10 -33.39 -9.64
CA SER B 74 -22.50 -33.68 -8.27
C SER B 74 -23.32 -32.58 -7.60
N ARG B 75 -23.12 -31.32 -7.99
CA ARG B 75 -23.77 -30.17 -7.34
C ARG B 75 -23.45 -30.08 -5.85
N ARG B 76 -22.35 -30.70 -5.43
CA ARG B 76 -21.87 -30.62 -4.06
C ARG B 76 -21.19 -29.26 -3.79
N VAL B 77 -21.45 -28.71 -2.61
CA VAL B 77 -20.93 -27.42 -2.19
C VAL B 77 -20.34 -27.57 -0.79
N TYR B 78 -19.08 -27.20 -0.64
CA TYR B 78 -18.46 -27.17 0.68
C TYR B 78 -18.59 -25.79 1.31
N LEU B 79 -18.69 -25.77 2.64
CA LEU B 79 -18.65 -24.52 3.39
C LEU B 79 -17.70 -24.65 4.57
N SER B 80 -16.99 -23.57 4.88
CA SER B 80 -16.30 -23.44 6.16
C SER B 80 -17.00 -22.40 7.00
N PHE B 81 -16.90 -22.54 8.31
CA PHE B 81 -17.60 -21.63 9.21
C PHE B 81 -17.07 -21.77 10.61
N ALA B 82 -17.27 -20.73 11.41
CA ALA B 82 -16.89 -20.77 12.82
C ALA B 82 -18.02 -21.46 13.58
N GLU B 83 -17.68 -22.52 14.30
CA GLU B 83 -18.69 -23.36 14.94
C GLU B 83 -18.57 -23.24 16.46
N PRO B 84 -19.66 -22.91 17.14
CA PRO B 84 -19.56 -22.67 18.59
C PRO B 84 -19.19 -23.94 19.34
N GLY B 85 -18.41 -23.77 20.41
CA GLY B 85 -18.12 -24.87 21.30
C GLY B 85 -18.91 -24.67 22.56
N GLU B 86 -18.26 -24.80 23.72
CA GLU B 86 -18.86 -24.39 24.97
C GLU B 86 -17.79 -23.69 25.81
N GLY B 87 -18.20 -23.12 26.94
CA GLY B 87 -17.36 -22.13 27.58
C GLY B 87 -17.28 -20.83 26.81
N GLY B 88 -18.24 -20.59 25.91
CA GLY B 88 -18.25 -19.40 25.09
C GLY B 88 -17.27 -19.41 23.93
N LYS B 89 -16.47 -20.46 23.77
CA LYS B 89 -15.42 -20.49 22.75
C LYS B 89 -15.90 -21.22 21.49
N ALA B 90 -15.05 -21.19 20.46
CA ALA B 90 -15.44 -21.70 19.15
C ALA B 90 -14.22 -22.19 18.38
N GLY B 91 -14.49 -22.82 17.24
CA GLY B 91 -13.45 -23.25 16.32
C GLY B 91 -14.01 -23.47 14.92
N THR B 92 -13.10 -23.54 13.95
CA THR B 92 -13.49 -23.67 12.56
C THR B 92 -14.04 -25.07 12.27
N ALA B 93 -14.97 -25.13 11.31
CA ALA B 93 -15.52 -26.40 10.87
C ALA B 93 -15.74 -26.34 9.37
N VAL B 94 -15.79 -27.51 8.74
CA VAL B 94 -16.03 -27.64 7.30
C VAL B 94 -17.02 -28.77 7.06
N GLY B 95 -17.98 -28.53 6.18
CA GLY B 95 -18.89 -29.56 5.75
C GLY B 95 -19.26 -29.37 4.28
N TYR B 96 -20.10 -30.27 3.77
CA TYR B 96 -20.66 -30.06 2.44
C TYR B 96 -22.11 -30.51 2.42
N GLY B 97 -22.82 -30.05 1.39
CA GLY B 97 -24.18 -30.44 1.09
C GLY B 97 -24.34 -30.38 -0.41
N ARG B 98 -25.55 -30.66 -0.87
CA ARG B 98 -25.88 -30.63 -2.30
C ARG B 98 -26.82 -29.46 -2.55
N LEU B 99 -26.44 -28.60 -3.49
CA LEU B 99 -27.31 -27.51 -3.87
C LEU B 99 -28.46 -28.06 -4.69
N SER B 100 -29.69 -27.78 -4.25
CA SER B 100 -30.89 -28.18 -4.99
C SER B 100 -30.76 -27.83 -6.46
N ASP B 101 -31.44 -28.61 -7.31
CA ASP B 101 -31.48 -28.30 -8.73
C ASP B 101 -32.23 -27.00 -9.01
N ASP B 102 -33.07 -26.54 -8.07
CA ASP B 102 -33.75 -25.26 -8.18
C ASP B 102 -33.01 -24.14 -7.43
N ASP B 103 -31.82 -24.45 -6.88
CA ASP B 103 -30.91 -23.50 -6.25
C ASP B 103 -31.43 -22.94 -4.93
N ALA B 104 -32.49 -23.51 -4.37
CA ALA B 104 -33.14 -22.86 -3.23
C ALA B 104 -32.66 -23.38 -1.88
N ARG B 105 -32.09 -24.56 -1.80
CA ARG B 105 -31.70 -25.03 -0.48
C ARG B 105 -30.44 -25.88 -0.61
N LEU B 106 -29.71 -25.89 0.48
CA LEU B 106 -28.49 -26.68 0.60
C LEU B 106 -28.90 -27.92 1.40
N GLU B 107 -29.01 -29.04 0.72
CA GLU B 107 -29.61 -30.22 1.35
C GLU B 107 -28.54 -31.15 1.90
N ASN B 108 -28.90 -31.80 3.02
CA ASN B 108 -28.10 -32.84 3.65
C ASN B 108 -26.74 -32.31 4.12
N PHE B 109 -26.64 -31.03 4.50
CA PHE B 109 -25.36 -30.50 4.92
C PHE B 109 -24.83 -31.23 6.14
N LYS B 110 -23.56 -31.68 6.06
CA LYS B 110 -22.93 -32.40 7.16
C LYS B 110 -21.50 -31.94 7.35
N VAL B 111 -21.10 -31.81 8.61
CA VAL B 111 -19.73 -31.47 8.96
C VAL B 111 -18.83 -32.68 8.72
N ILE B 112 -17.74 -32.48 7.97
CA ILE B 112 -16.76 -33.52 7.72
C ILE B 112 -15.45 -33.29 8.44
N PHE B 113 -15.24 -32.12 9.04
CA PHE B 113 -13.99 -31.81 9.72
C PHE B 113 -14.22 -30.71 10.74
N ARG B 114 -13.63 -30.87 11.92
CA ARG B 114 -13.76 -29.90 13.01
C ARG B 114 -12.40 -29.57 13.58
N GLN B 115 -12.11 -28.27 13.71
CA GLN B 115 -10.90 -27.83 14.40
C GLN B 115 -11.01 -28.17 15.87
N GLN B 116 -9.99 -28.85 16.39
CA GLN B 116 -9.97 -29.23 17.78
C GLN B 116 -8.60 -28.96 18.37
N PRO B 117 -8.54 -28.43 19.61
CA PRO B 117 -9.74 -28.06 20.37
C PRO B 117 -10.30 -26.73 19.90
N LYS B 118 -11.44 -26.30 20.45
CA LYS B 118 -12.06 -25.01 20.09
C LYS B 118 -11.56 -23.94 21.05
N LEU B 119 -10.59 -23.12 20.61
CA LEU B 119 -9.92 -22.17 21.49
C LEU B 119 -10.21 -20.73 21.16
N SER B 120 -10.98 -20.44 20.12
CA SER B 120 -11.18 -19.06 19.71
C SER B 120 -12.26 -18.41 20.55
N VAL B 121 -12.05 -17.13 20.88
CA VAL B 121 -13.09 -16.32 21.50
C VAL B 121 -13.55 -15.23 20.53
N GLY B 122 -13.31 -15.43 19.23
CA GLY B 122 -13.66 -14.43 18.25
C GLY B 122 -12.71 -14.26 17.07
N ASN B 123 -11.43 -14.61 17.22
CA ASN B 123 -10.43 -14.32 16.19
C ASN B 123 -9.76 -15.58 15.67
N HIS B 124 -9.16 -15.43 14.48
CA HIS B 124 -8.17 -16.36 13.94
C HIS B 124 -8.78 -17.74 13.67
N PHE B 125 -9.81 -17.74 12.84
CA PHE B 125 -10.38 -19.00 12.37
C PHE B 125 -9.73 -19.50 11.08
N GLY B 126 -9.01 -18.63 10.36
CA GLY B 126 -8.64 -18.97 9.00
C GLY B 126 -9.92 -19.20 8.21
N GLY B 127 -10.00 -20.33 7.52
CA GLY B 127 -11.24 -20.72 6.86
C GLY B 127 -11.16 -20.89 5.36
N LYS B 128 -10.06 -20.51 4.71
CA LYS B 128 -9.98 -20.67 3.27
C LYS B 128 -9.87 -22.14 2.90
N LEU B 129 -10.43 -22.47 1.74
CA LEU B 129 -10.45 -23.83 1.21
C LEU B 129 -9.91 -23.81 -0.22
N ALA B 130 -9.31 -24.93 -0.65
CA ALA B 130 -8.86 -25.04 -2.03
C ALA B 130 -8.67 -26.51 -2.36
N PHE B 131 -9.07 -26.88 -3.58
CA PHE B 131 -8.80 -28.23 -4.11
C PHE B 131 -7.53 -28.20 -4.94
N ASP B 132 -6.72 -29.27 -4.82
CA ASP B 132 -5.55 -29.37 -5.67
C ASP B 132 -5.93 -30.16 -6.93
N ARG B 133 -4.95 -30.46 -7.77
CA ARG B 133 -5.26 -31.04 -9.08
C ARG B 133 -5.94 -32.39 -8.96
N GLN B 134 -5.63 -33.17 -7.93
CA GLN B 134 -6.25 -34.47 -7.75
C GLN B 134 -7.48 -34.42 -6.86
N GLY B 135 -7.90 -33.24 -6.41
CA GLY B 135 -9.15 -33.12 -5.68
C GLY B 135 -9.05 -33.26 -4.19
N TYR B 136 -7.85 -33.28 -3.62
CA TYR B 136 -7.69 -33.19 -2.18
C TYR B 136 -8.15 -31.81 -1.69
N LEU B 137 -8.79 -31.80 -0.54
CA LEU B 137 -9.30 -30.55 0.05
C LEU B 137 -8.26 -30.00 1.03
N PHE B 138 -7.78 -28.79 0.77
CA PHE B 138 -6.89 -28.10 1.69
C PHE B 138 -7.69 -27.11 2.53
N ILE B 139 -7.42 -27.12 3.84
CA ILE B 139 -8.14 -26.28 4.81
C ILE B 139 -7.10 -25.49 5.59
N ALA B 140 -7.14 -24.16 5.47
CA ALA B 140 -6.20 -23.29 6.17
C ALA B 140 -6.81 -22.86 7.49
N LEU B 141 -6.13 -23.16 8.60
CA LEU B 141 -6.69 -22.93 9.92
C LEU B 141 -5.86 -21.90 10.68
N GLY B 142 -6.56 -20.96 11.30
CA GLY B 142 -5.92 -19.97 12.16
C GLY B 142 -5.60 -20.57 13.49
N GLU B 143 -4.80 -19.88 14.31
CA GLU B 143 -4.37 -20.45 15.60
C GLU B 143 -5.31 -20.02 16.72
N ASN B 144 -6.46 -19.45 16.37
CA ASN B 144 -7.53 -18.99 17.31
C ASN B 144 -7.06 -17.96 18.35
N ASN B 145 -5.98 -17.21 18.11
CA ASN B 145 -5.41 -16.19 19.03
C ASN B 145 -4.67 -16.81 20.22
N GLN B 146 -4.38 -18.12 20.18
CA GLN B 146 -3.57 -18.79 21.22
C GLN B 146 -2.24 -19.10 20.52
N ARG B 147 -1.35 -18.13 20.47
CA ARG B 147 -0.13 -18.16 19.64
C ARG B 147 0.63 -19.49 19.68
N PRO B 148 0.99 -20.03 20.85
CA PRO B 148 1.89 -21.20 20.85
C PRO B 148 1.31 -22.44 20.21
N THR B 149 -0.02 -22.58 20.15
CA THR B 149 -0.62 -23.81 19.66
C THR B 149 -0.33 -24.07 18.19
N ALA B 150 0.07 -23.05 17.41
CA ALA B 150 0.41 -23.29 16.02
C ALA B 150 1.59 -24.25 15.91
N GLN B 151 2.46 -24.27 16.92
CA GLN B 151 3.58 -25.19 16.94
C GLN B 151 3.24 -26.55 17.55
N GLU B 152 2.12 -26.67 18.27
CA GLU B 152 1.80 -27.90 18.98
C GLU B 152 1.24 -28.92 17.99
N THR B 153 1.95 -30.04 17.81
CA THR B 153 1.61 -31.00 16.77
C THR B 153 0.31 -31.73 17.04
N ASP B 154 -0.21 -31.68 18.27
CA ASP B 154 -1.42 -32.40 18.62
C ASP B 154 -2.66 -31.51 18.60
N LYS B 155 -2.56 -30.30 18.10
CA LYS B 155 -3.67 -29.35 18.06
C LYS B 155 -3.85 -28.81 16.65
N LEU B 156 -5.11 -28.61 16.24
CA LEU B 156 -5.40 -28.15 14.89
C LEU B 156 -5.37 -26.62 14.76
N GLN B 157 -4.64 -25.93 15.63
CA GLN B 157 -4.45 -24.50 15.53
C GLN B 157 -3.26 -24.20 14.64
N GLY B 158 -3.38 -23.15 13.82
CA GLY B 158 -2.27 -22.73 12.97
C GLY B 158 -1.79 -23.79 12.02
N LYS B 159 -2.71 -24.53 11.42
CA LYS B 159 -2.40 -25.67 10.59
C LYS B 159 -3.00 -25.50 9.21
N LEU B 160 -2.25 -25.86 8.19
CA LEU B 160 -2.82 -26.21 6.90
C LEU B 160 -3.15 -27.70 6.93
N VAL B 161 -4.39 -28.05 6.58
CA VAL B 161 -4.90 -29.42 6.68
C VAL B 161 -5.19 -29.93 5.27
N ARG B 162 -4.86 -31.19 5.00
CA ARG B 162 -5.24 -31.81 3.73
C ARG B 162 -6.08 -33.06 4.00
N LEU B 163 -7.29 -33.08 3.42
CA LEU B 163 -8.19 -34.22 3.55
C LEU B 163 -8.65 -34.71 2.17
N THR B 164 -9.29 -35.88 2.14
CA THR B 164 -9.97 -36.34 0.94
C THR B 164 -11.25 -35.53 0.72
N ALA B 165 -11.83 -35.68 -0.47
CA ALA B 165 -13.13 -35.07 -0.76
C ALA B 165 -14.17 -35.39 0.30
N GLU B 166 -14.02 -36.50 1.03
CA GLU B 166 -14.99 -36.89 2.05
C GLU B 166 -14.58 -36.45 3.44
N GLY B 167 -13.44 -35.77 3.58
CA GLY B 167 -12.99 -35.39 4.89
C GLY B 167 -12.20 -36.45 5.63
N ALA B 168 -11.91 -37.59 4.99
CA ALA B 168 -11.05 -38.60 5.60
C ALA B 168 -9.58 -38.20 5.48
N VAL B 169 -8.75 -38.84 6.30
CA VAL B 169 -7.31 -38.57 6.32
C VAL B 169 -6.62 -39.33 5.20
N PRO B 170 -5.96 -38.64 4.26
CA PRO B 170 -5.23 -39.34 3.19
C PRO B 170 -4.16 -40.25 3.78
N PRO B 171 -4.07 -41.49 3.30
CA PRO B 171 -3.12 -42.43 3.92
C PRO B 171 -1.68 -42.01 3.82
N ASP B 172 -1.31 -41.11 2.89
CA ASP B 172 0.08 -40.66 2.78
C ASP B 172 0.28 -39.23 3.29
N ASN B 173 -0.63 -38.70 4.11
CA ASN B 173 -0.39 -37.43 4.78
C ASN B 173 0.87 -37.54 5.65
N PRO B 174 1.55 -36.41 5.88
CA PRO B 174 2.90 -36.46 6.48
C PRO B 174 2.98 -37.04 7.89
N TRP B 175 1.96 -36.86 8.72
CA TRP B 175 2.04 -37.32 10.10
C TRP B 175 1.20 -38.57 10.37
N VAL B 176 0.72 -39.26 9.34
CA VAL B 176 -0.12 -40.43 9.54
C VAL B 176 0.63 -41.47 10.36
N GLY B 177 -0.03 -41.99 11.39
CA GLY B 177 0.59 -43.01 12.23
C GLY B 177 1.78 -42.54 13.03
N GLN B 178 1.80 -41.27 13.42
CA GLN B 178 2.84 -40.74 14.31
C GLN B 178 2.19 -40.25 15.60
N ALA B 179 2.62 -40.80 16.73
CA ALA B 179 2.01 -40.46 18.02
C ALA B 179 2.18 -38.99 18.35
N GLY B 180 1.14 -38.40 18.95
CA GLY B 180 1.20 -37.01 19.35
C GLY B 180 1.10 -36.02 18.22
N LYS B 181 0.67 -36.45 17.04
CA LYS B 181 0.57 -35.56 15.87
C LYS B 181 -0.76 -35.81 15.18
N ARG B 182 -1.47 -34.74 14.85
CA ARG B 182 -2.75 -34.89 14.18
C ARG B 182 -2.53 -35.33 12.74
N PRO B 183 -3.11 -36.45 12.30
CA PRO B 183 -2.86 -36.93 10.93
C PRO B 183 -3.49 -36.07 9.84
N GLU B 184 -4.41 -35.17 10.18
CA GLU B 184 -4.95 -34.26 9.17
C GLU B 184 -3.93 -33.24 8.66
N VAL B 185 -2.83 -33.05 9.36
CA VAL B 185 -2.03 -31.85 9.22
C VAL B 185 -1.15 -31.93 7.97
N TRP B 186 -1.22 -30.90 7.12
CA TRP B 186 -0.27 -30.78 6.02
C TRP B 186 0.97 -30.00 6.44
N SER B 187 0.79 -28.81 6.99
CA SER B 187 1.89 -27.97 7.44
C SER B 187 1.43 -27.21 8.68
N TYR B 188 2.39 -26.71 9.45
CA TYR B 188 2.07 -26.09 10.73
C TYR B 188 2.90 -24.81 10.90
N GLY B 189 2.69 -24.13 12.02
CA GLY B 189 3.38 -22.87 12.23
C GLY B 189 2.77 -21.70 11.49
N HIS B 190 1.46 -21.70 11.30
CA HIS B 190 0.78 -20.60 10.63
C HIS B 190 0.04 -19.74 11.64
N ARG B 191 -0.22 -18.48 11.25
CA ARG B 191 -0.87 -17.56 12.18
C ARG B 191 -2.37 -17.47 11.90
N ASN B 192 -2.76 -16.65 10.92
CA ASN B 192 -4.15 -16.57 10.50
C ASN B 192 -4.19 -16.46 8.98
N PRO B 193 -4.29 -17.59 8.29
CA PRO B 193 -4.26 -17.59 6.82
C PRO B 193 -5.60 -17.15 6.23
N GLN B 194 -5.54 -16.19 5.31
CA GLN B 194 -6.75 -15.75 4.64
C GLN B 194 -6.57 -15.74 3.13
N GLY B 195 -5.61 -16.51 2.63
CA GLY B 195 -5.50 -16.75 1.21
C GLY B 195 -5.00 -18.16 0.97
N LEU B 196 -5.57 -18.84 -0.02
CA LEU B 196 -5.21 -20.24 -0.30
C LEU B 196 -5.61 -20.51 -1.74
N ALA B 197 -4.64 -20.86 -2.59
CA ALA B 197 -5.02 -21.05 -3.98
C ALA B 197 -4.03 -21.96 -4.67
N LEU B 198 -4.53 -22.67 -5.68
CA LEU B 198 -3.74 -23.59 -6.47
C LEU B 198 -3.04 -22.82 -7.58
N ASN B 199 -1.72 -22.93 -7.62
CA ASN B 199 -0.97 -22.32 -8.72
C ASN B 199 -1.28 -23.12 -9.99
N PRO B 200 -1.89 -22.52 -11.01
CA PRO B 200 -2.32 -23.31 -12.17
C PRO B 200 -1.17 -23.78 -13.05
N TRP B 201 0.05 -23.23 -12.88
CA TRP B 201 1.18 -23.64 -13.69
C TRP B 201 2.05 -24.68 -12.98
N SER B 202 2.22 -24.55 -11.67
CA SER B 202 3.03 -25.51 -10.93
C SER B 202 2.22 -26.64 -10.31
N GLY B 203 0.92 -26.44 -10.08
CA GLY B 203 0.17 -27.39 -9.30
C GLY B 203 0.40 -27.31 -7.80
N ALA B 204 1.19 -26.36 -7.32
CA ALA B 204 1.42 -26.22 -5.88
C ALA B 204 0.34 -25.35 -5.24
N ILE B 205 -0.07 -25.74 -4.04
CA ILE B 205 -0.88 -24.86 -3.20
C ILE B 205 0.00 -23.74 -2.67
N TRP B 206 -0.45 -22.50 -2.84
CA TRP B 206 0.17 -21.33 -2.23
C TRP B 206 -0.75 -20.76 -1.16
N GLU B 207 -0.16 -20.04 -0.21
CA GLU B 207 -0.89 -19.61 0.97
C GLU B 207 -0.39 -18.22 1.37
N HIS B 208 -1.26 -17.42 1.98
CA HIS B 208 -0.78 -16.21 2.62
C HIS B 208 -1.54 -15.98 3.91
N GLU B 209 -0.94 -15.17 4.79
CA GLU B 209 -1.45 -15.02 6.14
C GLU B 209 -1.10 -13.65 6.69
N HIS B 210 -1.94 -13.17 7.61
CA HIS B 210 -1.66 -11.92 8.29
C HIS B 210 -0.56 -12.13 9.31
N GLY B 211 0.34 -11.15 9.40
CA GLY B 211 1.28 -11.10 10.48
C GLY B 211 0.79 -10.13 11.54
N PRO B 212 1.43 -10.16 12.71
CA PRO B 212 1.03 -9.26 13.79
C PRO B 212 1.60 -7.85 13.63
N ARG B 213 0.77 -6.89 13.22
CA ARG B 213 1.20 -5.50 13.06
C ARG B 213 2.47 -5.45 12.21
N GLY B 214 2.28 -5.79 10.94
CA GLY B 214 3.38 -6.00 10.02
C GLY B 214 3.67 -7.48 9.85
N GLY B 215 4.39 -7.79 8.78
CA GLY B 215 4.81 -9.16 8.55
C GLY B 215 3.79 -10.03 7.87
N ASP B 216 2.91 -9.48 7.04
CA ASP B 216 2.07 -10.33 6.20
C ASP B 216 2.97 -11.15 5.30
N GLU B 217 2.64 -12.44 5.12
CA GLU B 217 3.51 -13.36 4.39
C GLU B 217 2.76 -14.13 3.32
N LEU B 218 3.53 -14.55 2.32
CA LEU B 218 3.11 -15.47 1.27
C LEU B 218 4.01 -16.70 1.34
N ASN B 219 3.41 -17.90 1.42
CA ASN B 219 4.15 -19.14 1.59
C ASN B 219 3.76 -20.17 0.53
N ILE B 220 4.68 -21.10 0.26
CA ILE B 220 4.34 -22.30 -0.51
C ILE B 220 4.48 -23.48 0.46
N PRO B 221 3.40 -23.88 1.13
CA PRO B 221 3.55 -24.82 2.26
C PRO B 221 3.82 -26.23 1.78
N LEU B 222 4.91 -26.78 2.24
CA LEU B 222 5.40 -28.12 1.97
C LEU B 222 4.99 -29.08 3.08
N PRO B 223 4.78 -30.35 2.73
CA PRO B 223 4.23 -31.31 3.71
C PRO B 223 5.18 -31.56 4.87
N GLY B 224 4.64 -31.49 6.09
CA GLY B 224 5.41 -31.66 7.31
C GLY B 224 6.22 -30.47 7.76
N LYS B 225 6.26 -29.38 7.01
CA LYS B 225 7.22 -28.33 7.35
C LYS B 225 6.60 -27.29 8.29
N ASN B 226 7.48 -26.61 9.02
CA ASN B 226 7.12 -25.64 10.06
C ASN B 226 7.30 -24.23 9.50
N TYR B 227 6.23 -23.42 9.53
CA TYR B 227 6.32 -22.07 8.97
C TYR B 227 6.52 -21.01 10.04
N GLY B 228 6.95 -21.41 11.24
CA GLY B 228 7.60 -20.48 12.14
C GLY B 228 6.76 -19.88 13.24
N TRP B 229 5.49 -19.59 12.98
CA TRP B 229 4.68 -18.87 13.95
C TRP B 229 4.47 -19.73 15.20
N PRO B 230 4.66 -19.17 16.41
CA PRO B 230 5.12 -17.80 16.66
C PRO B 230 6.62 -17.66 17.03
N LEU B 231 7.45 -18.66 16.68
CA LEU B 231 8.89 -18.52 16.92
C LEU B 231 9.52 -17.56 15.93
N ALA B 232 9.12 -17.64 14.65
CA ALA B 232 9.66 -16.80 13.59
C ALA B 232 8.57 -15.86 13.07
N THR B 233 8.89 -14.57 12.98
CA THR B 233 7.91 -13.60 12.50
C THR B 233 8.62 -12.35 11.98
N TYR B 234 8.01 -11.74 10.96
CA TYR B 234 8.43 -10.42 10.49
C TYR B 234 7.59 -9.30 11.09
N GLY B 235 6.62 -9.64 11.94
CA GLY B 235 5.82 -8.65 12.63
C GLY B 235 6.43 -8.28 13.97
N ILE B 236 5.69 -7.45 14.70
CA ILE B 236 6.18 -6.96 15.99
C ILE B 236 5.05 -6.91 17.02
N PRO B 242 9.42 -7.06 20.07
CA PRO B 242 8.98 -8.21 19.29
C PRO B 242 7.93 -9.06 20.01
N ILE B 243 7.24 -9.92 19.25
CA ILE B 243 6.28 -10.84 19.85
C ILE B 243 6.97 -11.69 20.91
N PRO B 244 6.34 -11.97 22.07
CA PRO B 244 7.02 -12.71 23.15
C PRO B 244 7.78 -13.97 22.73
N GLU B 245 7.11 -14.92 22.09
CA GLU B 245 7.74 -16.19 21.76
C GLU B 245 8.70 -16.09 20.57
N ALA B 246 8.84 -14.91 19.95
CA ALA B 246 9.59 -14.78 18.72
C ALA B 246 11.09 -14.83 18.97
N LYS B 247 11.79 -15.63 18.14
CA LYS B 247 13.24 -15.74 18.22
C LYS B 247 13.95 -14.93 17.14
N GLY B 248 13.20 -14.28 16.26
CA GLY B 248 13.77 -13.46 15.23
C GLY B 248 12.93 -13.52 13.97
N GLU B 249 13.48 -12.97 12.89
CA GLU B 249 12.87 -13.06 11.57
C GLU B 249 13.17 -14.40 10.90
N ARG B 250 14.30 -15.02 11.24
CA ARG B 250 14.69 -16.32 10.71
C ARG B 250 15.05 -17.23 11.88
N VAL B 251 14.50 -18.45 11.87
CA VAL B 251 14.82 -19.43 12.91
C VAL B 251 15.14 -20.77 12.24
N PRO B 252 16.26 -21.40 12.60
CA PRO B 252 16.56 -22.75 12.11
C PRO B 252 15.40 -23.69 12.37
N GLY B 253 15.17 -24.62 11.44
CA GLY B 253 14.08 -25.57 11.57
C GLY B 253 12.72 -25.01 11.19
N THR B 254 12.66 -23.80 10.66
CA THR B 254 11.42 -23.18 10.21
C THR B 254 11.64 -22.57 8.84
N GLU B 255 10.59 -22.55 8.03
CA GLU B 255 10.71 -22.13 6.64
C GLU B 255 10.42 -20.65 6.50
N GLN B 256 11.21 -19.98 5.67
CA GLN B 256 10.99 -18.58 5.40
C GLN B 256 9.82 -18.39 4.45
N PRO B 257 9.15 -17.25 4.52
CA PRO B 257 8.12 -16.94 3.53
C PRO B 257 8.73 -16.78 2.15
N LEU B 258 7.92 -17.11 1.15
CA LEU B 258 8.22 -16.77 -0.22
C LEU B 258 8.41 -15.27 -0.39
N HIS B 259 7.53 -14.48 0.23
CA HIS B 259 7.52 -13.04 0.06
C HIS B 259 6.86 -12.45 1.30
N TYR B 260 7.29 -11.25 1.71
CA TYR B 260 6.71 -10.71 2.93
C TYR B 260 6.60 -9.19 2.82
N TRP B 261 5.69 -8.63 3.61
CA TRP B 261 5.48 -7.19 3.69
C TRP B 261 5.78 -6.72 5.10
N ARG B 262 6.74 -5.81 5.26
CA ARG B 262 7.02 -5.25 6.57
C ARG B 262 5.86 -4.40 7.07
N VAL B 263 5.24 -3.63 6.17
CA VAL B 263 4.02 -2.90 6.48
C VAL B 263 2.86 -3.72 5.95
N SER B 264 1.97 -4.15 6.85
CA SER B 264 0.96 -5.14 6.49
C SER B 264 -0.16 -4.51 5.70
N PRO B 265 -0.42 -4.94 4.46
CA PRO B 265 -1.60 -4.45 3.75
C PRO B 265 -2.90 -5.06 4.26
N GLY B 266 -2.84 -6.15 5.02
CA GLY B 266 -4.05 -6.87 5.40
C GLY B 266 -4.48 -7.81 4.30
N LEU B 267 -3.61 -8.78 3.98
CA LEU B 267 -3.83 -9.67 2.84
C LEU B 267 -5.09 -10.50 3.03
N SER B 268 -5.97 -10.48 2.04
CA SER B 268 -7.17 -11.31 2.14
C SER B 268 -7.57 -11.73 0.74
N GLY B 269 -7.78 -13.02 0.53
CA GLY B 269 -8.16 -13.47 -0.80
C GLY B 269 -6.97 -13.58 -1.74
N MET B 270 -7.04 -14.50 -2.71
CA MET B 270 -5.92 -14.66 -3.63
C MET B 270 -6.38 -15.47 -4.84
N ALA B 271 -5.97 -15.01 -6.02
CA ALA B 271 -6.34 -15.69 -7.25
C ALA B 271 -5.19 -15.55 -8.25
N PHE B 272 -4.77 -16.66 -8.83
CA PHE B 272 -3.84 -16.62 -9.95
C PHE B 272 -4.63 -16.34 -11.22
N TYR B 273 -4.12 -15.44 -12.05
CA TYR B 273 -4.79 -15.11 -13.29
C TYR B 273 -4.20 -15.94 -14.42
N ASP B 274 -5.04 -16.70 -15.10
CA ASP B 274 -4.63 -17.51 -16.24
C ASP B 274 -5.49 -17.28 -17.47
N GLY B 275 -6.52 -16.44 -17.41
CA GLY B 275 -7.38 -16.25 -18.54
C GLY B 275 -6.67 -15.57 -19.70
N GLN B 276 -7.26 -15.67 -20.88
CA GLN B 276 -6.66 -15.05 -22.04
C GLN B 276 -7.24 -13.68 -22.37
N ARG B 277 -8.33 -13.28 -21.71
CA ARG B 277 -8.94 -11.98 -21.99
C ARG B 277 -7.96 -10.83 -21.76
N PHE B 278 -7.14 -10.92 -20.72
CA PHE B 278 -6.18 -9.86 -20.41
C PHE B 278 -4.80 -10.49 -20.36
N PRO B 279 -4.13 -10.58 -21.51
CA PRO B 279 -2.84 -11.29 -21.57
C PRO B 279 -1.74 -10.62 -20.76
N ALA B 280 -1.86 -9.33 -20.46
CA ALA B 280 -0.87 -8.68 -19.61
C ALA B 280 -0.94 -9.19 -18.18
N TRP B 281 -2.10 -9.69 -17.76
CA TRP B 281 -2.31 -10.15 -16.39
C TRP B 281 -1.90 -11.60 -16.18
N ARG B 282 -1.61 -12.35 -17.24
CA ARG B 282 -1.28 -13.76 -17.04
C ARG B 282 0.04 -13.88 -16.28
N HIS B 283 0.13 -14.94 -15.49
CA HIS B 283 1.26 -15.18 -14.58
C HIS B 283 1.35 -14.11 -13.51
N SER B 284 0.20 -13.57 -13.11
CA SER B 284 0.09 -12.68 -11.97
C SER B 284 -0.71 -13.35 -10.87
N LEU B 285 -0.38 -12.99 -9.63
CA LEU B 285 -1.11 -13.39 -8.43
C LEU B 285 -1.79 -12.13 -7.87
N PHE B 286 -3.11 -12.16 -7.76
CA PHE B 286 -3.87 -11.03 -7.23
C PHE B 286 -4.31 -11.32 -5.80
N ILE B 287 -4.08 -10.36 -4.90
CA ILE B 287 -4.38 -10.48 -3.48
C ILE B 287 -5.11 -9.23 -3.02
N GLY B 288 -6.14 -9.40 -2.19
CA GLY B 288 -6.83 -8.25 -1.63
C GLY B 288 -6.10 -7.66 -0.43
N ALA B 289 -6.25 -6.35 -0.25
CA ALA B 289 -5.73 -5.67 0.94
C ALA B 289 -6.90 -5.06 1.70
N LEU B 290 -7.10 -5.52 2.94
CA LEU B 290 -8.16 -4.97 3.77
C LEU B 290 -7.75 -3.61 4.34
N ALA B 291 -6.62 -3.55 5.04
CA ALA B 291 -6.25 -2.32 5.73
C ALA B 291 -5.88 -1.22 4.75
N GLN B 292 -5.18 -1.53 3.68
CA GLN B 292 -4.78 -0.50 2.72
C GLN B 292 -5.80 -0.30 1.60
N LYS B 293 -6.89 -1.07 1.59
CA LYS B 293 -8.05 -0.88 0.69
C LYS B 293 -7.62 -0.77 -0.78
N ALA B 294 -7.05 -1.85 -1.28
CA ALA B 294 -6.53 -1.88 -2.65
C ALA B 294 -6.41 -3.34 -3.09
N LEU B 295 -6.10 -3.52 -4.37
CA LEU B 295 -5.85 -4.82 -4.96
C LEU B 295 -4.37 -4.94 -5.27
N ILE B 296 -3.73 -5.94 -4.74
CA ILE B 296 -2.30 -6.16 -4.97
C ILE B 296 -2.15 -7.12 -6.12
N ARG B 297 -1.23 -6.81 -7.03
CA ARG B 297 -0.91 -7.69 -8.15
C ARG B 297 0.58 -8.03 -8.13
N LEU B 298 0.90 -9.31 -7.94
CA LEU B 298 2.27 -9.79 -7.94
C LEU B 298 2.58 -10.46 -9.27
N THR B 299 3.61 -9.96 -9.95
CA THR B 299 4.13 -10.60 -11.16
C THR B 299 5.02 -11.76 -10.78
N LEU B 300 4.84 -12.90 -11.45
CA LEU B 300 5.53 -14.12 -11.08
C LEU B 300 6.45 -14.57 -12.20
N GLU B 301 7.63 -15.06 -11.81
CA GLU B 301 8.53 -15.80 -12.70
C GLU B 301 8.73 -17.16 -12.04
N GLY B 302 7.99 -18.17 -12.47
CA GLY B 302 8.07 -19.42 -11.75
C GLY B 302 7.57 -19.18 -10.34
N ASP B 303 8.37 -19.58 -9.34
CA ASP B 303 8.04 -19.37 -7.94
C ASP B 303 8.57 -18.04 -7.38
N LYS B 304 8.96 -17.10 -8.23
CA LYS B 304 9.57 -15.87 -7.73
C LYS B 304 8.65 -14.69 -7.97
N VAL B 305 8.56 -13.80 -6.98
CA VAL B 305 7.84 -12.54 -7.09
C VAL B 305 8.81 -11.52 -7.64
N VAL B 306 8.55 -11.00 -8.84
CA VAL B 306 9.47 -10.05 -9.46
C VAL B 306 8.95 -8.62 -9.45
N ALA B 307 7.69 -8.40 -9.11
CA ALA B 307 7.18 -7.04 -9.05
C ALA B 307 5.88 -7.02 -8.25
N GLU B 308 5.64 -5.90 -7.57
CA GLU B 308 4.41 -5.68 -6.83
C GLU B 308 3.74 -4.42 -7.36
N GLU B 309 2.48 -4.56 -7.75
CA GLU B 309 1.70 -3.44 -8.26
C GLU B 309 0.41 -3.29 -7.47
N ARG B 310 -0.15 -2.07 -7.50
CA ARG B 310 -1.37 -1.75 -6.76
C ARG B 310 -2.46 -1.33 -7.75
N LEU B 311 -3.68 -1.79 -7.49
CA LEU B 311 -4.85 -1.45 -8.28
C LEU B 311 -5.97 -1.02 -7.33
N LEU B 312 -6.87 -0.17 -7.84
CA LEU B 312 -8.13 0.17 -7.19
C LEU B 312 -7.95 0.89 -5.85
N GLY B 313 -6.77 1.46 -5.58
CA GLY B 313 -6.57 2.16 -4.32
C GLY B 313 -7.34 3.46 -4.20
N ASP B 314 -7.93 3.94 -5.28
CA ASP B 314 -8.77 5.13 -5.23
C ASP B 314 -10.19 4.86 -4.74
N ARG B 315 -10.62 3.60 -4.66
CA ARG B 315 -12.02 3.31 -4.36
C ARG B 315 -12.34 3.30 -2.87
N GLY B 316 -11.36 3.10 -2.00
CA GLY B 316 -11.62 3.13 -0.57
C GLY B 316 -12.34 1.93 0.00
N GLU B 317 -12.25 0.77 -0.66
CA GLU B 317 -12.97 -0.42 -0.26
C GLU B 317 -12.01 -1.49 0.23
N ARG B 318 -12.32 -2.09 1.38
CA ARG B 318 -11.54 -3.22 1.89
C ARG B 318 -11.82 -4.45 1.06
N ILE B 319 -10.79 -4.99 0.42
CA ILE B 319 -10.96 -6.08 -0.54
C ILE B 319 -10.81 -7.40 0.21
N ARG B 320 -11.91 -8.12 0.36
CA ARG B 320 -11.94 -9.35 1.15
C ARG B 320 -11.70 -10.59 0.30
N GLU B 321 -12.14 -10.60 -0.95
CA GLU B 321 -12.11 -11.82 -1.75
C GLU B 321 -11.69 -11.50 -3.18
N VAL B 322 -10.93 -12.41 -3.77
CA VAL B 322 -10.46 -12.29 -5.14
C VAL B 322 -10.59 -13.64 -5.81
N ARG B 323 -11.28 -13.69 -6.94
CA ARG B 323 -11.41 -14.92 -7.72
C ARG B 323 -11.21 -14.59 -9.18
N SER B 324 -10.58 -15.51 -9.90
CA SER B 324 -10.40 -15.36 -11.34
C SER B 324 -11.54 -16.08 -12.03
N GLY B 325 -12.37 -15.31 -12.77
CA GLY B 325 -13.55 -15.85 -13.38
C GLY B 325 -13.25 -16.62 -14.65
N PRO B 326 -14.08 -17.62 -14.97
CA PRO B 326 -13.94 -18.29 -16.27
C PRO B 326 -14.18 -17.37 -17.46
N ASP B 327 -14.82 -16.22 -17.25
CA ASP B 327 -14.98 -15.22 -18.32
C ASP B 327 -13.74 -14.35 -18.49
N GLY B 328 -12.67 -14.58 -17.73
CA GLY B 328 -11.44 -13.83 -17.86
C GLY B 328 -11.38 -12.53 -17.08
N TYR B 329 -12.37 -12.26 -16.25
CA TYR B 329 -12.38 -11.10 -15.37
C TYR B 329 -12.04 -11.53 -13.95
N LEU B 330 -11.59 -10.58 -13.15
CA LEU B 330 -11.47 -10.79 -11.72
C LEU B 330 -12.78 -10.42 -11.05
N TYR B 331 -13.10 -11.14 -9.98
CA TYR B 331 -14.30 -10.85 -9.19
C TYR B 331 -13.89 -10.61 -7.76
N LEU B 332 -14.41 -9.55 -7.15
CA LEU B 332 -14.00 -9.18 -5.81
C LEU B 332 -15.22 -9.02 -4.92
N LEU B 333 -14.98 -9.19 -3.62
CA LEU B 333 -15.94 -8.81 -2.59
C LEU B 333 -15.29 -7.74 -1.72
N THR B 334 -16.06 -6.72 -1.34
CA THR B 334 -15.60 -5.71 -0.39
C THR B 334 -16.23 -5.93 0.98
N ASP B 335 -15.44 -5.77 2.02
CA ASP B 335 -15.87 -6.10 3.38
C ASP B 335 -16.33 -4.85 4.14
N GLU B 336 -17.62 -4.56 4.05
CA GLU B 336 -18.27 -3.67 5.02
C GLU B 336 -19.74 -4.06 5.12
N ARG B 337 -20.51 -3.22 5.82
CA ARG B 337 -21.94 -3.51 5.99
C ARG B 337 -22.67 -3.38 4.67
N ASP B 338 -22.29 -2.42 3.84
CA ASP B 338 -22.80 -2.32 2.48
C ASP B 338 -21.74 -2.89 1.53
N GLY B 339 -21.53 -4.19 1.66
CA GLY B 339 -20.50 -4.85 0.88
C GLY B 339 -20.93 -5.11 -0.55
N LYS B 340 -19.94 -5.16 -1.44
CA LYS B 340 -20.21 -5.15 -2.87
C LYS B 340 -19.51 -6.31 -3.57
N LEU B 341 -20.09 -6.73 -4.69
CA LEU B 341 -19.46 -7.65 -5.60
C LEU B 341 -19.00 -6.85 -6.82
N LEU B 342 -17.70 -6.89 -7.09
CA LEU B 342 -17.12 -6.09 -8.17
C LEU B 342 -16.55 -6.98 -9.25
N LYS B 343 -16.70 -6.53 -10.50
CA LYS B 343 -16.10 -7.17 -11.66
C LYS B 343 -15.02 -6.25 -12.20
N VAL B 344 -13.81 -6.79 -12.38
CA VAL B 344 -12.62 -5.98 -12.64
C VAL B 344 -11.89 -6.54 -13.86
N GLY B 345 -11.58 -5.65 -14.81
CA GLY B 345 -10.77 -6.00 -15.96
C GLY B 345 -9.60 -5.05 -16.12
N ALA B 346 -8.79 -5.34 -17.13
CA ALA B 346 -7.51 -4.64 -17.33
C ALA B 346 -7.55 -3.51 -18.35
N SER B 347 -8.31 -3.64 -19.44
CA SER B 347 -8.02 -2.87 -20.66
C SER B 347 -9.16 -1.96 -21.10
N LEU B 348 -10.35 -2.49 -21.36
CA LEU B 348 -11.45 -1.71 -21.90
C LEU B 348 -12.76 -2.47 -21.76
CA CA C . -7.82 18.07 -5.02
CA CA D . 5.89 -17.69 8.75
C1 GOL E . -0.64 -30.83 -3.39
O1 GOL E . -1.37 -30.85 -4.57
C2 GOL E . 0.50 -29.89 -3.64
O2 GOL E . 1.72 -30.54 -3.57
C3 GOL E . 0.35 -28.85 -2.55
O3 GOL E . 1.14 -27.80 -2.99
H11 GOL E . -0.30 -31.75 -3.21
H12 GOL E . -1.21 -30.52 -2.65
HO1 GOL E . -2.03 -31.38 -4.46
H2 GOL E . 0.40 -29.51 -4.55
HO2 GOL E . 2.14 -30.21 -2.91
H31 GOL E . 0.66 -29.22 -1.69
H32 GOL E . -0.61 -28.58 -2.47
HO3 GOL E . 1.48 -28.03 -3.72
#